data_6L97
#
_entry.id   6L97
#
_cell.length_a   85.861
_cell.length_b   54.969
_cell.length_c   96.545
_cell.angle_alpha   90.000
_cell.angle_beta   113.390
_cell.angle_gamma   90.000
#
_symmetry.space_group_name_H-M   'P 1 21 1'
#
loop_
_entity.id
_entity.type
_entity.pdbx_description
1 polymer 'DNA polymerase IV'
2 polymer "DNA (5'-D(P*(0DG)P*(0DG)P*(0DA)P*(0DA)P*(0DT)P*(0DC)P*(0DC)P*(0DT)P*(0DT)P*(0DC)P*(0DC)P*(0DC)P*(0DC)P*(0DC))-3')"
3 polymer "DNA (5'-D(*(0DG)P*(0DG)P*(0DG)P*(0DG)P*(0DG)P*(0DA)P*(0DA)P*(0DG)P*(0DG)P*(0DA)P*(0DT)P*(0DT)P*(0DC)P*(0DC))-3')"
4 water water
#
loop_
_entity_poly.entity_id
_entity_poly.type
_entity_poly.pdbx_seq_one_letter_code
_entity_poly.pdbx_strand_id
1 'polypeptide(L)'
;MIVLFVDFDYFYAQVEEVLNPSLKGKPVVVCVFSGRFEDSGAVATANYEARKFGVKAGIPIVEAKKILPNAVYLPMRKEV
YQQVSSRIMNLLREYSEKIEIASIDEAYLDISDKVRDYREAYNLGLEIKNKILEKEKITVTVGISKNKVFAKIAADMAKP
NGIKVIDDEEVKRLIRELDIADVPGIGNITAEKLKKLGINKLVDTLSIEFDKLKGMIGEAKAKYLISLARDEYNEPIRTR
VRKSIGRIVTMKRNSRNLEEIKPYLFRAIEESYYKLDKRIPKAIHVVAVTEDLDIVSRGRTFPHGISKETAYSESVKLLQ
KILEEDERKIRRIGVRFSKFIEAIGLDKFFDTLEHHHHHH
;
A,B
2 'polydeoxyribonucleotide'
;(0DT)(0DC)(0DA)(0DC)(0DG)(0DG)(0DA)(0DA)(0DT)(0DC)(0DC)(0DT)(0DT)(0DC)(0DC)(0DC)
(0DC)(0DC)
;
T
3 'polydeoxyribonucleotide' (0DG)(0DG)(0DG)(0DG)(0DG)(0DA)(0DA)(0DG)(0DG)(0DA)(0DT)(0DT)(0DC)(0DC) P
#
loop_
_chem_comp.id
_chem_comp.type
_chem_comp.name
_chem_comp.formula
0DA L-DNA linking '2'-DEOXY-L-RIBO-FURANOSYL ADENOSINE-5'-MONOPHOSPHATE' 'C10 H14 N5 O6 P'
0DC L-DNA linking '2'-DEOXY-L-RIBO-FURANOSYL CYTOSINE-5'-MONOPHOSPHATE' 'C9 H14 N3 O7 P'
0DG L-DNA linking '2'-DEOXY-L-RIBO-FURANOSYL GUANINE-5'-MONOPHOSPHATE' 'C10 H14 N5 O7 P'
0DT L-DNA linking '2'-DEOXY-L-RIBO-FURANOSYL THYMIDINE-5'-MONOPHOSPHATE' 'C10 H15 N2 O8 P'
#
# COMPACT_ATOMS: atom_id res chain seq x y z
N MET A 1 33.81 -24.07 -4.10
CA MET A 1 33.16 -22.81 -4.43
C MET A 1 34.08 -21.89 -5.23
N ILE A 2 33.55 -21.27 -6.27
CA ILE A 2 34.30 -20.33 -7.09
C ILE A 2 33.51 -19.02 -7.16
N VAL A 3 34.10 -17.96 -6.63
CA VAL A 3 33.47 -16.63 -6.64
C VAL A 3 34.17 -15.78 -7.69
N LEU A 4 33.39 -14.96 -8.39
CA LEU A 4 33.94 -14.00 -9.35
C LEU A 4 33.45 -12.61 -8.96
N PHE A 5 34.38 -11.74 -8.61
CA PHE A 5 34.07 -10.40 -8.14
C PHE A 5 34.39 -9.38 -9.23
N VAL A 6 33.43 -8.49 -9.50
CA VAL A 6 33.61 -7.44 -10.49
C VAL A 6 33.59 -6.08 -9.80
N ASP A 7 34.63 -5.29 -10.04
CA ASP A 7 34.77 -3.95 -9.48
C ASP A 7 35.03 -2.96 -10.60
N PHE A 8 34.23 -1.90 -10.67
CA PHE A 8 34.37 -0.90 -11.74
C PHE A 8 35.45 0.11 -11.36
N ASP A 9 36.47 0.23 -12.21
CA ASP A 9 37.62 1.09 -11.91
C ASP A 9 37.20 2.55 -11.82
N TYR A 10 37.49 3.18 -10.67
CA TYR A 10 37.14 4.57 -10.37
C TYR A 10 35.85 4.98 -11.08
N PHE A 11 34.72 4.38 -10.67
CA PHE A 11 33.51 4.40 -11.47
C PHE A 11 33.09 5.83 -11.84
N TYR A 12 32.95 6.71 -10.85
CA TYR A 12 32.44 8.05 -11.11
C TYR A 12 33.32 8.81 -12.09
N ALA A 13 34.64 8.77 -11.88
CA ALA A 13 35.55 9.47 -12.77
C ALA A 13 35.59 8.81 -14.15
N GLN A 14 35.38 7.50 -14.22
CA GLN A 14 35.43 6.82 -15.51
C GLN A 14 34.21 7.14 -16.36
N VAL A 15 33.03 7.23 -15.73
CA VAL A 15 31.82 7.59 -16.47
C VAL A 15 31.97 8.98 -17.10
N GLU A 16 32.65 9.90 -16.41
CA GLU A 16 32.82 11.25 -16.94
C GLU A 16 33.68 11.27 -18.19
N GLU A 17 34.69 10.39 -18.27
CA GLU A 17 35.53 10.31 -19.44
C GLU A 17 34.87 9.59 -20.60
N VAL A 18 33.80 8.83 -20.34
CA VAL A 18 33.04 8.20 -21.40
C VAL A 18 32.15 9.22 -22.10
N LEU A 19 31.38 9.99 -21.33
CA LEU A 19 30.43 10.94 -21.92
C LEU A 19 31.14 12.13 -22.56
N ASN A 20 32.28 12.54 -22.00
CA ASN A 20 33.13 13.56 -22.61
C ASN A 20 34.52 12.97 -22.79
N PRO A 21 34.84 12.45 -23.97
CA PRO A 21 36.10 11.72 -24.14
C PRO A 21 37.35 12.58 -24.20
N SER A 22 37.28 13.87 -23.88
CA SER A 22 38.46 14.73 -23.95
C SER A 22 39.36 14.63 -22.73
N LEU A 23 38.91 13.97 -21.66
CA LEU A 23 39.65 13.87 -20.41
C LEU A 23 40.57 12.66 -20.36
N LYS A 24 41.16 12.26 -21.49
CA LYS A 24 42.09 11.15 -21.52
C LYS A 24 43.41 11.58 -20.89
N GLY A 25 43.92 10.78 -19.96
CA GLY A 25 45.19 11.07 -19.33
C GLY A 25 45.16 12.21 -18.32
N LYS A 26 44.31 13.19 -18.55
CA LYS A 26 44.19 14.30 -17.62
C LYS A 26 43.55 13.82 -16.31
N PRO A 27 44.10 14.23 -15.16
CA PRO A 27 43.52 13.81 -13.88
C PRO A 27 42.10 14.37 -13.70
N VAL A 28 41.19 13.50 -13.31
CA VAL A 28 39.77 13.83 -13.12
C VAL A 28 39.36 13.46 -11.70
N VAL A 29 38.72 14.40 -11.01
CA VAL A 29 38.24 14.18 -9.65
C VAL A 29 36.79 14.63 -9.56
N VAL A 30 35.93 13.72 -9.13
CA VAL A 30 34.52 14.02 -8.87
C VAL A 30 34.38 14.37 -7.40
N CYS A 31 33.59 15.42 -7.11
CA CYS A 31 33.51 15.97 -5.77
C CYS A 31 32.06 16.21 -5.37
N VAL A 32 31.80 16.16 -4.07
CA VAL A 32 30.53 16.53 -3.48
C VAL A 32 30.67 17.96 -2.98
N PHE A 33 29.85 18.87 -3.51
CA PHE A 33 29.93 20.27 -3.12
C PHE A 33 28.86 20.63 -2.09
N SER A 40 34.07 24.32 -0.85
CA SER A 40 33.79 23.61 0.39
C SER A 40 33.09 22.28 0.10
N GLY A 41 33.84 21.18 0.26
CA GLY A 41 33.29 19.85 0.05
C GLY A 41 34.31 18.75 0.23
N ALA A 42 34.08 17.61 -0.40
CA ALA A 42 34.93 16.45 -0.28
C ALA A 42 35.06 15.78 -1.64
N VAL A 43 36.13 15.00 -1.79
CA VAL A 43 36.41 14.26 -3.02
C VAL A 43 35.64 12.96 -3.00
N ALA A 44 34.84 12.73 -4.05
CA ALA A 44 34.05 11.50 -4.17
C ALA A 44 34.89 10.39 -4.79
N THR A 45 35.42 10.63 -5.98
CA THR A 45 36.26 9.65 -6.68
C THR A 45 37.30 10.38 -7.50
N ALA A 46 38.48 9.78 -7.60
CA ALA A 46 39.53 10.25 -8.49
C ALA A 46 39.98 9.11 -9.38
N ASN A 47 40.44 9.44 -10.58
CA ASN A 47 40.90 8.39 -11.48
C ASN A 47 42.33 8.00 -11.14
N TYR A 48 42.83 6.96 -11.83
CA TYR A 48 44.18 6.49 -11.60
C TYR A 48 45.20 7.61 -11.78
N GLU A 49 44.96 8.49 -12.75
CA GLU A 49 45.89 9.59 -13.02
C GLU A 49 46.04 10.50 -11.82
N ALA A 50 44.94 10.80 -11.13
CA ALA A 50 44.98 11.66 -9.95
C ALA A 50 45.22 10.88 -8.66
N ARG A 51 44.77 9.63 -8.59
CA ARG A 51 45.01 8.81 -7.40
C ARG A 51 46.48 8.48 -7.22
N LYS A 52 47.28 8.63 -8.26
CA LYS A 52 48.71 8.35 -8.15
C LYS A 52 49.44 9.39 -7.31
N PHE A 53 48.82 10.54 -7.07
CA PHE A 53 49.47 11.64 -6.36
C PHE A 53 48.84 11.89 -4.99
N GLY A 54 48.38 10.82 -4.34
CA GLY A 54 47.82 10.96 -3.00
C GLY A 54 46.50 11.68 -2.93
N VAL A 55 45.75 11.70 -4.02
CA VAL A 55 44.40 12.27 -4.05
C VAL A 55 43.45 11.08 -3.91
N LYS A 56 43.01 10.81 -2.69
CA LYS A 56 42.21 9.66 -2.36
C LYS A 56 40.74 10.08 -2.27
N ALA A 57 39.89 9.14 -1.85
CA ALA A 57 38.48 9.43 -1.59
C ALA A 57 38.30 9.69 -0.11
N GLY A 58 37.72 10.85 0.23
CA GLY A 58 37.50 11.25 1.60
C GLY A 58 38.30 12.45 2.05
N ILE A 59 39.23 12.92 1.23
CA ILE A 59 40.03 14.10 1.57
C ILE A 59 39.29 15.34 1.12
N PRO A 60 39.43 16.48 1.81
CA PRO A 60 38.72 17.69 1.40
C PRO A 60 39.23 18.20 0.05
N ILE A 61 38.33 18.92 -0.64
CA ILE A 61 38.61 19.36 -2.01
C ILE A 61 39.83 20.29 -2.05
N VAL A 62 39.91 21.22 -1.10
CA VAL A 62 40.98 22.20 -1.13
C VAL A 62 42.35 21.62 -0.76
N GLU A 63 42.41 20.52 0.00
CA GLU A 63 43.68 19.81 0.13
C GLU A 63 44.06 19.19 -1.21
N ALA A 64 43.08 18.73 -1.99
CA ALA A 64 43.38 18.16 -3.29
C ALA A 64 43.80 19.22 -4.30
N LYS A 65 43.27 20.44 -4.19
CA LYS A 65 43.74 21.50 -5.09
C LYS A 65 45.07 22.09 -4.67
N LYS A 66 45.55 21.82 -3.45
CA LYS A 66 46.97 22.10 -3.18
C LYS A 66 47.83 21.18 -4.02
N ILE A 67 47.50 19.89 -4.01
CA ILE A 67 48.39 18.87 -4.53
C ILE A 67 48.51 18.97 -6.05
N LEU A 68 47.42 19.29 -6.73
CA LEU A 68 47.44 19.44 -8.18
C LEU A 68 46.34 20.41 -8.58
N PRO A 69 46.68 21.68 -8.85
CA PRO A 69 45.68 22.65 -9.28
C PRO A 69 45.24 22.50 -10.72
N ASN A 70 46.05 21.87 -11.57
CA ASN A 70 45.77 21.78 -13.00
C ASN A 70 45.00 20.50 -13.33
N ALA A 71 43.83 20.38 -12.74
CA ALA A 71 42.98 19.21 -12.93
C ALA A 71 41.56 19.65 -13.27
N VAL A 72 40.77 18.69 -13.73
CA VAL A 72 39.37 18.91 -14.09
C VAL A 72 38.52 18.43 -12.92
N TYR A 73 37.75 19.33 -12.35
CA TYR A 73 36.90 19.05 -11.19
C TYR A 73 35.45 19.08 -11.63
N LEU A 74 34.73 18.00 -11.35
CA LEU A 74 33.36 17.85 -11.79
C LEU A 74 32.44 17.62 -10.60
N PRO A 75 31.22 18.15 -10.63
CA PRO A 75 30.29 17.90 -9.53
C PRO A 75 29.75 16.49 -9.57
N MET A 76 29.17 16.08 -8.45
CA MET A 76 28.62 14.74 -8.29
C MET A 76 27.33 14.62 -9.09
N ARG A 77 27.35 13.82 -10.14
CA ARG A 77 26.16 13.51 -10.93
C ARG A 77 25.75 12.07 -10.64
N LYS A 78 25.22 11.86 -9.45
CA LYS A 78 25.04 10.51 -8.91
C LYS A 78 24.10 9.67 -9.77
N GLU A 79 23.01 10.26 -10.26
CA GLU A 79 22.05 9.46 -11.00
C GLU A 79 22.48 9.18 -12.43
N VAL A 80 23.37 10.00 -12.99
CA VAL A 80 24.05 9.62 -14.23
C VAL A 80 24.81 8.32 -14.02
N TYR A 81 25.58 8.24 -12.93
CA TYR A 81 26.41 7.07 -12.70
C TYR A 81 25.58 5.84 -12.34
N GLN A 82 24.41 6.05 -11.74
CA GLN A 82 23.56 4.92 -11.36
C GLN A 82 23.02 4.20 -12.60
N GLN A 83 22.65 4.95 -13.63
CA GLN A 83 22.05 4.33 -14.80
C GLN A 83 23.05 3.47 -15.55
N VAL A 84 24.29 3.93 -15.68
CA VAL A 84 25.33 3.09 -16.28
C VAL A 84 25.53 1.83 -15.44
N SER A 85 25.59 1.98 -14.11
CA SER A 85 25.76 0.83 -13.25
C SER A 85 24.61 -0.16 -13.40
N SER A 86 23.37 0.35 -13.56
CA SER A 86 22.22 -0.54 -13.70
C SER A 86 22.33 -1.40 -14.95
N ARG A 87 22.80 -0.82 -16.05
CA ARG A 87 22.98 -1.60 -17.27
C ARG A 87 24.06 -2.66 -17.10
N ILE A 88 25.18 -2.31 -16.46
CA ILE A 88 26.27 -3.27 -16.30
C ILE A 88 25.84 -4.41 -15.39
N MET A 89 25.12 -4.10 -14.31
CA MET A 89 24.60 -5.15 -13.44
C MET A 89 23.65 -6.07 -14.21
N ASN A 90 22.86 -5.49 -15.12
CA ASN A 90 21.93 -6.28 -15.91
C ASN A 90 22.69 -7.22 -16.85
N LEU A 91 23.81 -6.76 -17.39
CA LEU A 91 24.65 -7.60 -18.23
C LEU A 91 25.39 -8.67 -17.44
N LEU A 92 25.63 -8.43 -16.14
CA LEU A 92 26.22 -9.46 -15.30
C LEU A 92 25.19 -10.53 -14.92
N ARG A 93 23.96 -10.09 -14.59
CA ARG A 93 22.87 -11.04 -14.38
C ARG A 93 22.72 -11.97 -15.57
N GLU A 94 22.89 -11.42 -16.79
CA GLU A 94 22.86 -12.24 -17.99
C GLU A 94 23.90 -13.37 -17.94
N TYR A 95 25.01 -13.20 -17.22
CA TYR A 95 26.07 -14.20 -17.23
C TYR A 95 25.86 -15.32 -16.21
N SER A 96 25.26 -15.04 -15.05
CA SER A 96 24.97 -16.08 -14.08
C SER A 96 23.84 -15.60 -13.17
N GLU A 97 22.99 -16.56 -12.75
CA GLU A 97 21.80 -16.23 -11.99
C GLU A 97 22.13 -15.74 -10.59
N LYS A 98 23.13 -16.34 -9.95
CA LYS A 98 23.48 -16.02 -8.57
C LYS A 98 24.42 -14.82 -8.56
N ILE A 99 23.85 -13.64 -8.33
CA ILE A 99 24.59 -12.39 -8.30
C ILE A 99 24.22 -11.62 -7.04
N GLU A 100 25.19 -10.89 -6.49
CA GLU A 100 24.94 -10.03 -5.33
C GLU A 100 25.50 -8.63 -5.65
N ILE A 101 24.60 -7.65 -5.76
CA ILE A 101 24.99 -6.27 -6.03
C ILE A 101 25.36 -5.64 -4.69
N ALA A 102 26.66 -5.54 -4.41
CA ALA A 102 27.11 -5.01 -3.13
C ALA A 102 27.07 -3.49 -3.07
N SER A 103 27.21 -2.82 -4.20
CA SER A 103 27.25 -1.36 -4.26
C SER A 103 27.13 -0.95 -5.72
N ILE A 104 27.22 0.37 -5.95
CA ILE A 104 27.04 0.91 -7.29
C ILE A 104 28.12 0.45 -8.26
N ASP A 105 29.26 -0.04 -7.74
CA ASP A 105 30.38 -0.44 -8.58
C ASP A 105 30.97 -1.78 -8.14
N GLU A 106 30.23 -2.59 -7.38
CA GLU A 106 30.72 -3.86 -6.89
C GLU A 106 29.63 -4.93 -7.05
N ALA A 107 30.02 -6.09 -7.54
CA ALA A 107 29.08 -7.21 -7.68
C ALA A 107 29.81 -8.52 -7.50
N TYR A 108 29.16 -9.46 -6.83
CA TYR A 108 29.69 -10.80 -6.61
C TYR A 108 28.87 -11.82 -7.40
N LEU A 109 29.57 -12.68 -8.14
CA LEU A 109 28.94 -13.71 -8.96
C LEU A 109 29.40 -15.08 -8.49
N ASP A 110 28.44 -15.96 -8.19
CA ASP A 110 28.73 -17.35 -7.92
C ASP A 110 28.70 -18.12 -9.24
N ILE A 111 29.83 -18.72 -9.61
CA ILE A 111 29.96 -19.37 -10.91
C ILE A 111 30.43 -20.81 -10.74
N SER A 112 30.13 -21.41 -9.59
CA SER A 112 30.49 -22.80 -9.35
C SER A 112 29.81 -23.76 -10.32
N ASP A 113 28.61 -23.39 -10.82
CA ASP A 113 27.86 -24.26 -11.72
C ASP A 113 28.13 -23.96 -13.18
N LYS A 114 28.79 -22.86 -13.51
CA LYS A 114 29.11 -22.52 -14.89
C LYS A 114 30.52 -22.94 -15.30
N VAL A 115 31.46 -22.99 -14.36
CA VAL A 115 32.83 -23.39 -14.65
C VAL A 115 33.23 -24.52 -13.72
N ARG A 116 34.22 -25.31 -14.15
CA ARG A 116 34.69 -26.44 -13.37
C ARG A 116 35.99 -26.15 -12.62
N ASP A 117 36.77 -25.17 -13.06
CA ASP A 117 38.06 -24.86 -12.45
C ASP A 117 38.30 -23.36 -12.48
N TYR A 118 39.47 -22.95 -12.01
CA TYR A 118 39.87 -21.55 -12.01
C TYR A 118 40.34 -21.08 -13.39
N ARG A 119 40.77 -21.99 -14.26
CA ARG A 119 41.14 -21.60 -15.61
C ARG A 119 39.92 -21.19 -16.41
N GLU A 120 38.85 -21.98 -16.33
CA GLU A 120 37.60 -21.60 -17.00
C GLU A 120 36.99 -20.37 -16.36
N ALA A 121 37.13 -20.22 -15.04
CA ALA A 121 36.68 -19.00 -14.38
C ALA A 121 37.47 -17.79 -14.87
N TYR A 122 38.78 -17.96 -15.05
CA TYR A 122 39.61 -16.89 -15.59
C TYR A 122 39.14 -16.49 -16.98
N ASN A 123 38.90 -17.48 -17.85
CA ASN A 123 38.46 -17.17 -19.20
C ASN A 123 37.07 -16.56 -19.23
N LEU A 124 36.20 -16.99 -18.31
CA LEU A 124 34.88 -16.37 -18.21
C LEU A 124 34.98 -14.91 -17.79
N GLY A 125 35.89 -14.62 -16.85
CA GLY A 125 36.10 -13.23 -16.47
C GLY A 125 36.65 -12.38 -17.59
N LEU A 126 37.44 -12.99 -18.49
CA LEU A 126 37.90 -12.26 -19.66
C LEU A 126 36.73 -11.90 -20.58
N GLU A 127 35.80 -12.83 -20.76
CA GLU A 127 34.64 -12.54 -21.60
C GLU A 127 33.71 -11.50 -20.94
N ILE A 128 33.69 -11.45 -19.60
CA ILE A 128 32.90 -10.44 -18.93
C ILE A 128 33.51 -9.05 -19.13
N LYS A 129 34.83 -8.95 -19.01
CA LYS A 129 35.50 -7.65 -19.16
C LYS A 129 35.28 -7.07 -20.55
N ASN A 130 35.34 -7.92 -21.58
CA ASN A 130 35.16 -7.45 -22.94
C ASN A 130 33.70 -7.09 -23.22
N LYS A 131 32.75 -7.81 -22.62
CA LYS A 131 31.35 -7.48 -22.82
C LYS A 131 31.00 -6.14 -22.19
N ILE A 132 31.51 -5.88 -20.98
CA ILE A 132 31.28 -4.58 -20.34
C ILE A 132 31.94 -3.47 -21.15
N LEU A 133 33.16 -3.72 -21.62
CA LEU A 133 33.85 -2.73 -22.43
C LEU A 133 33.17 -2.53 -23.78
N GLU A 134 32.57 -3.59 -24.33
CA GLU A 134 31.90 -3.48 -25.63
C GLU A 134 30.64 -2.60 -25.54
N LYS A 135 29.84 -2.78 -24.49
CA LYS A 135 28.51 -2.17 -24.45
C LYS A 135 28.43 -0.89 -23.62
N GLU A 136 29.40 -0.64 -22.73
CA GLU A 136 29.41 0.60 -21.97
C GLU A 136 30.74 1.35 -22.03
N LYS A 137 31.77 0.78 -22.67
CA LYS A 137 33.09 1.39 -22.75
C LYS A 137 33.68 1.63 -21.36
N ILE A 138 33.37 0.74 -20.43
CA ILE A 138 33.85 0.80 -19.06
C ILE A 138 34.80 -0.38 -18.85
N THR A 139 35.96 -0.11 -18.27
CA THR A 139 36.90 -1.15 -17.87
C THR A 139 36.66 -1.52 -16.42
N VAL A 140 36.86 -2.79 -16.10
CA VAL A 140 36.63 -3.31 -14.76
C VAL A 140 37.82 -4.16 -14.33
N THR A 141 37.87 -4.44 -13.03
CA THR A 141 38.83 -5.38 -12.49
C THR A 141 38.07 -6.59 -11.96
N VAL A 142 38.52 -7.78 -12.35
CA VAL A 142 37.86 -9.03 -11.98
C VAL A 142 38.78 -9.78 -11.03
N GLY A 143 38.22 -10.23 -9.91
CA GLY A 143 38.94 -11.05 -8.96
C GLY A 143 38.20 -12.37 -8.77
N ILE A 144 38.97 -13.46 -8.75
CA ILE A 144 38.41 -14.81 -8.66
C ILE A 144 39.12 -15.56 -7.54
N SER A 145 38.34 -16.18 -6.67
CA SER A 145 38.92 -16.98 -5.58
C SER A 145 37.86 -17.93 -5.03
N LYS A 146 38.04 -18.36 -3.78
CA LYS A 146 37.19 -19.37 -3.19
C LYS A 146 36.08 -18.81 -2.30
N ASN A 147 36.15 -17.53 -1.93
CA ASN A 147 35.10 -16.88 -1.16
C ASN A 147 34.99 -15.43 -1.60
N LYS A 148 34.04 -14.71 -1.00
CA LYS A 148 33.82 -13.31 -1.38
C LYS A 148 35.01 -12.43 -0.99
N VAL A 149 35.57 -12.66 0.20
CA VAL A 149 36.66 -11.81 0.71
C VAL A 149 37.88 -11.93 -0.18
N PHE A 150 38.28 -13.16 -0.50
CA PHE A 150 39.50 -13.32 -1.29
C PHE A 150 39.30 -12.91 -2.74
N ALA A 151 38.08 -13.00 -3.24
CA ALA A 151 37.81 -12.46 -4.58
C ALA A 151 37.98 -10.95 -4.60
N LYS A 152 37.57 -10.28 -3.53
CA LYS A 152 37.76 -8.83 -3.43
C LYS A 152 39.23 -8.48 -3.27
N ILE A 153 39.96 -9.23 -2.45
CA ILE A 153 41.40 -9.03 -2.32
C ILE A 153 42.08 -9.17 -3.66
N ALA A 154 41.64 -10.16 -4.46
CA ALA A 154 42.22 -10.37 -5.78
C ALA A 154 42.08 -9.14 -6.65
N ALA A 155 40.89 -8.51 -6.64
CA ALA A 155 40.68 -7.36 -7.52
C ALA A 155 41.43 -6.14 -7.02
N ASP A 156 41.52 -5.97 -5.69
CA ASP A 156 42.31 -4.88 -5.15
C ASP A 156 43.77 -4.97 -5.58
N MET A 157 44.29 -6.18 -5.74
CA MET A 157 45.69 -6.32 -6.15
C MET A 157 45.87 -6.14 -7.65
N ALA A 158 44.85 -6.42 -8.45
CA ALA A 158 44.97 -6.34 -9.89
C ALA A 158 44.53 -5.01 -10.48
N LYS A 159 43.83 -4.18 -9.72
CA LYS A 159 43.28 -2.96 -10.29
C LYS A 159 44.42 -2.01 -10.69
N PRO A 160 44.22 -1.18 -11.72
CA PRO A 160 43.01 -1.08 -12.55
C PRO A 160 43.06 -1.95 -13.81
N ASN A 161 41.89 -2.20 -14.42
CA ASN A 161 41.79 -2.94 -15.68
C ASN A 161 42.49 -4.30 -15.59
N GLY A 162 42.30 -4.99 -14.46
CA GLY A 162 42.98 -6.22 -14.18
C GLY A 162 42.07 -7.42 -14.12
N ILE A 163 42.70 -8.57 -13.93
CA ILE A 163 42.01 -9.83 -13.66
C ILE A 163 43.01 -10.76 -12.99
N LYS A 164 42.65 -11.28 -11.82
CA LYS A 164 43.59 -12.11 -11.06
C LYS A 164 42.84 -13.25 -10.40
N VAL A 165 43.40 -14.45 -10.51
CA VAL A 165 42.95 -15.62 -9.77
C VAL A 165 43.83 -15.79 -8.55
N ILE A 166 43.23 -16.17 -7.42
CA ILE A 166 43.97 -16.51 -6.21
C ILE A 166 43.65 -17.97 -5.89
N ASP A 167 44.56 -18.87 -6.24
CA ASP A 167 44.33 -20.29 -5.98
C ASP A 167 44.45 -20.58 -4.49
N ASP A 168 44.13 -21.82 -4.11
CA ASP A 168 44.06 -22.16 -2.69
C ASP A 168 45.43 -22.08 -2.01
N GLU A 169 46.52 -22.32 -2.75
CA GLU A 169 47.85 -22.21 -2.13
C GLU A 169 48.26 -20.76 -1.92
N GLU A 170 47.81 -19.84 -2.78
CA GLU A 170 48.07 -18.42 -2.54
C GLU A 170 47.22 -17.88 -1.41
N VAL A 171 46.06 -18.49 -1.16
CA VAL A 171 45.26 -18.11 0.01
C VAL A 171 46.04 -18.39 1.29
N LYS A 172 46.62 -19.58 1.39
CA LYS A 172 47.39 -19.92 2.60
C LYS A 172 48.63 -19.04 2.72
N ARG A 173 49.21 -18.62 1.58
CA ARG A 173 50.31 -17.66 1.64
C ARG A 173 49.81 -16.30 2.10
N LEU A 174 48.67 -15.84 1.57
CA LEU A 174 48.16 -14.54 1.95
C LEU A 174 47.70 -14.53 3.41
N ILE A 175 47.22 -15.66 3.92
CA ILE A 175 46.82 -15.72 5.33
C ILE A 175 47.98 -15.35 6.24
N ARG A 176 49.18 -15.82 5.92
CA ARG A 176 50.34 -15.55 6.76
C ARG A 176 51.00 -14.21 6.45
N GLU A 177 50.67 -13.58 5.33
CA GLU A 177 51.44 -12.46 4.82
C GLU A 177 50.65 -11.17 4.66
N LEU A 178 49.34 -11.26 4.42
CA LEU A 178 48.53 -10.06 4.24
C LEU A 178 48.37 -9.30 5.55
N ASP A 179 48.59 -7.98 5.49
CA ASP A 179 48.34 -7.14 6.65
C ASP A 179 46.85 -7.08 6.97
N ILE A 180 46.54 -6.96 8.26
CA ILE A 180 45.15 -6.87 8.69
C ILE A 180 44.46 -5.69 8.03
N ALA A 181 45.20 -4.59 7.82
CA ALA A 181 44.62 -3.40 7.21
C ALA A 181 44.13 -3.67 5.79
N ASP A 182 44.71 -4.64 5.10
CA ASP A 182 44.33 -4.96 3.72
C ASP A 182 43.10 -5.88 3.63
N VAL A 183 42.45 -6.20 4.75
CA VAL A 183 41.31 -7.11 4.75
C VAL A 183 40.03 -6.32 4.48
N PRO A 184 39.25 -6.70 3.48
CA PRO A 184 37.97 -6.01 3.22
C PRO A 184 37.02 -6.07 4.41
N GLY A 185 36.27 -4.99 4.60
CA GLY A 185 35.28 -4.93 5.66
C GLY A 185 35.82 -4.55 7.02
N ILE A 186 37.09 -4.16 7.09
CA ILE A 186 37.75 -3.82 8.34
C ILE A 186 38.32 -2.42 8.19
N GLY A 187 37.87 -1.51 9.04
CA GLY A 187 38.28 -0.12 8.95
C GLY A 187 39.75 0.09 9.24
N ASN A 188 40.20 1.33 9.16
CA ASN A 188 41.62 1.61 9.41
C ASN A 188 41.92 1.79 10.89
N ILE A 189 40.94 2.20 11.69
CA ILE A 189 41.19 2.41 13.11
C ILE A 189 41.05 1.12 13.91
N THR A 190 40.26 0.18 13.40
CA THR A 190 40.13 -1.09 14.02
C THR A 190 41.42 -1.83 13.76
N ALA A 191 42.03 -1.61 12.62
CA ALA A 191 43.28 -2.22 12.30
C ALA A 191 44.41 -1.56 13.03
N GLU A 192 44.27 -0.32 13.44
CA GLU A 192 45.30 0.35 14.17
C GLU A 192 45.27 -0.07 15.60
N LYS A 193 44.12 -0.52 16.06
CA LYS A 193 43.95 -0.99 17.40
C LYS A 193 44.52 -2.37 17.47
N LEU A 194 44.43 -3.13 16.41
CA LEU A 194 44.99 -4.48 16.43
C LEU A 194 46.50 -4.44 16.31
N LYS A 195 47.03 -3.50 15.53
CA LYS A 195 48.48 -3.34 15.42
C LYS A 195 49.10 -3.01 16.77
N LYS A 196 48.44 -2.15 17.55
CA LYS A 196 48.99 -1.75 18.84
C LYS A 196 49.00 -2.88 19.86
N LEU A 197 48.21 -3.94 19.64
CA LEU A 197 48.13 -5.05 20.55
C LEU A 197 48.91 -6.27 20.07
N GLY A 198 49.54 -6.19 18.90
CA GLY A 198 50.35 -7.27 18.38
C GLY A 198 49.72 -8.10 17.28
N ILE A 199 48.57 -7.69 16.75
CA ILE A 199 47.90 -8.40 15.67
C ILE A 199 48.16 -7.60 14.39
N ASN A 200 49.07 -8.08 13.56
CA ASN A 200 49.44 -7.44 12.30
C ASN A 200 49.03 -8.26 11.08
N LYS A 201 49.19 -9.57 11.16
CA LYS A 201 48.87 -10.47 10.07
C LYS A 201 47.64 -11.28 10.41
N LEU A 202 47.05 -11.89 9.37
CA LEU A 202 45.84 -12.68 9.57
C LEU A 202 46.11 -13.94 10.40
N VAL A 203 47.31 -14.51 10.32
CA VAL A 203 47.63 -15.69 11.12
C VAL A 203 47.66 -15.37 12.60
N ASP A 204 47.97 -14.12 12.95
CA ASP A 204 48.10 -13.76 14.36
C ASP A 204 46.80 -13.94 15.13
N THR A 205 45.65 -14.00 14.44
CA THR A 205 44.39 -14.26 15.13
C THR A 205 44.23 -15.72 15.50
N LEU A 206 45.01 -16.62 14.89
CA LEU A 206 44.98 -18.04 15.27
C LEU A 206 45.68 -18.30 16.60
N SER A 207 46.58 -17.40 17.01
CA SER A 207 47.32 -17.55 18.26
C SER A 207 46.78 -16.59 19.32
N ILE A 208 45.47 -16.50 19.43
CA ILE A 208 44.81 -15.74 20.48
C ILE A 208 43.44 -16.37 20.72
N GLU A 209 42.97 -16.28 21.96
CA GLU A 209 41.67 -16.86 22.29
C GLU A 209 40.55 -16.04 21.65
N PHE A 210 39.49 -16.74 21.26
CA PHE A 210 38.37 -16.07 20.61
C PHE A 210 37.78 -14.99 21.51
N ASP A 211 37.53 -15.32 22.79
CA ASP A 211 36.87 -14.39 23.68
C ASP A 211 37.72 -13.16 23.95
N LYS A 212 39.04 -13.31 23.96
CA LYS A 212 39.93 -12.17 24.17
C LYS A 212 39.90 -11.21 22.98
N LEU A 213 39.97 -11.76 21.77
CA LEU A 213 39.82 -10.91 20.57
C LEU A 213 38.42 -10.31 20.50
N LYS A 214 37.41 -11.01 21.04
CA LYS A 214 36.05 -10.50 21.00
C LYS A 214 35.91 -9.24 21.86
N GLY A 215 36.55 -9.21 23.02
CA GLY A 215 36.49 -8.05 23.88
C GLY A 215 37.38 -6.92 23.38
N MET A 216 37.87 -7.04 22.16
CA MET A 216 38.77 -6.06 21.57
C MET A 216 38.16 -5.31 20.40
N ILE A 217 37.58 -6.03 19.44
CA ILE A 217 37.11 -5.40 18.21
C ILE A 217 35.65 -5.75 17.99
N GLY A 218 35.01 -6.31 19.00
CA GLY A 218 33.65 -6.81 18.88
C GLY A 218 33.61 -8.24 18.41
N GLU A 219 32.41 -8.80 18.46
CA GLU A 219 32.20 -10.22 18.14
C GLU A 219 32.05 -10.46 16.64
N ALA A 220 31.40 -9.55 15.91
CA ALA A 220 31.23 -9.73 14.46
C ALA A 220 32.59 -9.77 13.76
N LYS A 221 33.46 -8.80 14.07
CA LYS A 221 34.77 -8.75 13.42
C LYS A 221 35.68 -9.86 13.94
N ALA A 222 35.53 -10.27 15.19
CA ALA A 222 36.39 -11.32 15.73
C ALA A 222 36.16 -12.65 15.00
N LYS A 223 34.88 -13.02 14.80
CA LYS A 223 34.59 -14.26 14.07
C LYS A 223 34.95 -14.12 12.60
N TYR A 224 34.76 -12.92 12.04
CA TYR A 224 35.16 -12.65 10.67
C TYR A 224 36.64 -12.91 10.46
N LEU A 225 37.49 -12.34 11.32
CA LEU A 225 38.93 -12.47 11.14
C LEU A 225 39.38 -13.91 11.39
N ILE A 226 38.90 -14.52 12.46
CA ILE A 226 39.33 -15.87 12.81
C ILE A 226 38.91 -16.86 11.73
N SER A 227 37.68 -16.72 11.21
CA SER A 227 37.20 -17.65 10.20
C SER A 227 38.01 -17.57 8.91
N LEU A 228 38.48 -16.37 8.54
CA LEU A 228 39.32 -16.24 7.36
C LEU A 228 40.69 -16.86 7.59
N ALA A 229 41.31 -16.58 8.75
CA ALA A 229 42.60 -17.16 9.07
C ALA A 229 42.55 -18.69 9.07
N ARG A 230 41.40 -19.26 9.44
CA ARG A 230 41.22 -20.71 9.43
C ARG A 230 40.95 -21.27 8.04
N ASP A 231 40.80 -20.41 7.04
CA ASP A 231 40.32 -20.81 5.71
C ASP A 231 39.03 -21.61 5.82
N GLU A 232 38.11 -21.11 6.66
CA GLU A 232 36.79 -21.71 6.80
C GLU A 232 35.71 -20.63 6.68
N TYR A 233 35.97 -19.60 5.87
CA TYR A 233 35.02 -18.53 5.66
C TYR A 233 34.09 -18.94 4.52
N ASN A 234 32.85 -19.28 4.85
CA ASN A 234 31.91 -19.79 3.86
C ASN A 234 30.66 -18.92 3.80
N GLU A 235 30.82 -17.67 3.41
CA GLU A 235 29.65 -16.81 3.29
C GLU A 235 29.07 -16.91 1.89
N PRO A 236 27.79 -17.26 1.75
CA PRO A 236 27.23 -17.48 0.42
C PRO A 236 26.95 -16.17 -0.31
N ILE A 237 26.76 -16.30 -1.62
CA ILE A 237 26.33 -15.19 -2.46
C ILE A 237 24.85 -14.93 -2.19
N ARG A 238 24.55 -13.73 -1.71
CA ARG A 238 23.21 -13.34 -1.31
C ARG A 238 22.51 -12.69 -2.50
N THR A 239 21.91 -13.52 -3.35
CA THR A 239 21.17 -13.02 -4.51
C THR A 239 19.75 -12.65 -4.09
N ARG A 240 19.40 -11.38 -4.25
CA ARG A 240 18.11 -10.87 -3.79
C ARG A 240 17.02 -11.19 -4.80
N VAL A 241 15.92 -11.77 -4.32
CA VAL A 241 14.78 -12.15 -5.14
C VAL A 241 13.55 -11.41 -4.65
N ARG A 242 12.85 -10.75 -5.57
CA ARG A 242 11.62 -10.05 -5.21
C ARG A 242 10.52 -11.06 -4.92
N LYS A 243 10.05 -11.08 -3.68
CA LYS A 243 8.92 -11.95 -3.33
C LYS A 243 7.61 -11.40 -3.87
N SER A 244 7.51 -10.09 -4.04
CA SER A 244 6.31 -9.46 -4.58
C SER A 244 6.72 -8.33 -5.50
N ILE A 245 5.94 -8.13 -6.56
CA ILE A 245 6.17 -7.08 -7.55
C ILE A 245 4.88 -6.31 -7.72
N GLY A 246 4.94 -4.99 -7.56
CA GLY A 246 3.73 -4.19 -7.68
C GLY A 246 4.04 -2.73 -7.88
N ARG A 247 3.00 -1.92 -7.75
CA ARG A 247 3.12 -0.48 -7.96
C ARG A 247 1.89 0.21 -7.38
N ILE A 248 2.11 1.32 -6.69
CA ILE A 248 1.01 2.14 -6.16
C ILE A 248 1.11 3.52 -6.78
N VAL A 249 -0.01 4.03 -7.27
CA VAL A 249 -0.07 5.30 -7.98
C VAL A 249 -1.04 6.22 -7.26
N THR A 250 -0.67 7.50 -7.17
CA THR A 250 -1.50 8.51 -6.56
C THR A 250 -2.50 9.06 -7.56
N MET A 251 -3.72 9.27 -7.10
CA MET A 251 -4.78 9.88 -7.91
C MET A 251 -4.80 11.39 -7.68
N LYS A 252 -5.47 12.09 -8.59
CA LYS A 252 -5.53 13.55 -8.51
C LYS A 252 -6.50 13.99 -7.41
N ARG A 253 -7.58 13.24 -7.19
CA ARG A 253 -8.50 13.53 -6.11
C ARG A 253 -8.88 12.24 -5.41
N ASN A 254 -9.26 12.37 -4.14
CA ASN A 254 -9.86 11.27 -3.41
C ASN A 254 -11.20 10.92 -4.02
N SER A 255 -11.44 9.64 -4.24
CA SER A 255 -12.61 9.25 -5.02
C SER A 255 -13.17 7.93 -4.52
N ARG A 256 -14.44 7.70 -4.83
CA ARG A 256 -15.10 6.42 -4.60
C ARG A 256 -15.82 5.94 -5.85
N ASN A 257 -15.57 6.56 -6.99
CA ASN A 257 -16.18 6.15 -8.26
C ASN A 257 -15.28 5.13 -8.93
N LEU A 258 -15.83 3.93 -9.18
CA LEU A 258 -15.04 2.85 -9.74
C LEU A 258 -14.47 3.21 -11.11
N GLU A 259 -15.27 3.86 -11.96
CA GLU A 259 -14.81 4.14 -13.31
C GLU A 259 -13.78 5.25 -13.38
N GLU A 260 -13.60 6.02 -12.31
CA GLU A 260 -12.50 6.97 -12.22
C GLU A 260 -11.24 6.35 -11.67
N ILE A 261 -11.37 5.37 -10.77
CA ILE A 261 -10.19 4.74 -10.19
C ILE A 261 -9.59 3.71 -11.16
N LYS A 262 -10.40 3.15 -12.06
CA LYS A 262 -9.92 2.08 -12.94
C LYS A 262 -8.69 2.47 -13.75
N PRO A 263 -8.61 3.65 -14.40
CA PRO A 263 -7.36 3.97 -15.13
C PRO A 263 -6.11 3.89 -14.27
N TYR A 264 -6.15 4.46 -13.07
CA TYR A 264 -5.00 4.41 -12.18
C TYR A 264 -4.66 2.99 -11.80
N LEU A 265 -5.68 2.16 -11.55
CA LEU A 265 -5.45 0.78 -11.17
C LEU A 265 -4.89 -0.03 -12.33
N PHE A 266 -5.37 0.26 -13.55
CA PHE A 266 -4.88 -0.45 -14.72
C PHE A 266 -3.45 -0.03 -15.06
N ARG A 267 -3.11 1.25 -14.84
CA ARG A 267 -1.74 1.69 -15.07
C ARG A 267 -0.77 0.98 -14.14
N ALA A 268 -1.17 0.77 -12.88
CA ALA A 268 -0.33 0.05 -11.93
C ALA A 268 -0.10 -1.40 -12.38
N ILE A 269 -1.08 -2.00 -13.06
CA ILE A 269 -0.91 -3.36 -13.55
C ILE A 269 0.13 -3.41 -14.66
N GLU A 270 0.07 -2.45 -15.59
CA GLU A 270 0.98 -2.46 -16.73
C GLU A 270 2.43 -2.28 -16.31
N GLU A 271 2.67 -1.41 -15.33
CA GLU A 271 4.03 -1.21 -14.83
C GLU A 271 4.52 -2.44 -14.07
N SER A 272 3.63 -3.14 -13.38
CA SER A 272 4.03 -4.25 -12.52
C SER A 272 4.16 -5.56 -13.28
N TYR A 273 3.23 -5.83 -14.20
CA TYR A 273 3.25 -7.11 -14.92
C TYR A 273 4.54 -7.26 -15.73
N TYR A 274 5.05 -6.15 -16.24
CA TYR A 274 6.23 -6.15 -17.10
C TYR A 274 7.45 -5.54 -16.39
N LYS A 275 7.54 -5.78 -15.08
CA LYS A 275 8.74 -5.44 -14.31
C LYS A 275 9.25 -6.66 -13.56
N LEU A 276 8.99 -7.86 -14.08
CA LEU A 276 9.73 -9.05 -13.69
C LEU A 276 9.87 -9.93 -14.92
N ASP A 277 11.11 -10.06 -15.41
CA ASP A 277 11.36 -10.82 -16.62
C ASP A 277 10.97 -12.28 -16.43
N LYS A 278 10.15 -12.79 -17.35
CA LYS A 278 9.74 -14.19 -17.48
C LYS A 278 9.36 -14.82 -16.14
N ARG A 279 8.19 -14.41 -15.65
CA ARG A 279 7.58 -15.02 -14.47
C ARG A 279 6.11 -14.64 -14.40
N ILE A 280 5.29 -15.55 -13.89
CA ILE A 280 3.83 -15.43 -13.89
C ILE A 280 3.29 -15.56 -12.46
N PRO A 281 2.39 -14.68 -12.01
CA PRO A 281 1.94 -14.73 -10.60
C PRO A 281 0.69 -15.54 -10.38
N LYS A 282 0.55 -16.11 -9.18
CA LYS A 282 -0.63 -16.82 -8.75
C LYS A 282 -1.50 -16.02 -7.79
N ALA A 283 -0.97 -14.94 -7.20
CA ALA A 283 -1.74 -14.10 -6.29
C ALA A 283 -1.73 -12.65 -6.79
N ILE A 284 -2.90 -12.01 -6.76
CA ILE A 284 -3.04 -10.59 -7.01
C ILE A 284 -3.64 -9.94 -5.78
N HIS A 285 -3.13 -8.77 -5.42
CA HIS A 285 -3.62 -8.00 -4.28
C HIS A 285 -3.84 -6.56 -4.71
N VAL A 286 -5.03 -6.04 -4.46
CA VAL A 286 -5.33 -4.63 -4.73
C VAL A 286 -5.16 -3.88 -3.43
N VAL A 287 -4.45 -2.75 -3.47
CA VAL A 287 -4.04 -2.00 -2.29
C VAL A 287 -4.57 -0.59 -2.44
N ALA A 288 -5.37 -0.15 -1.47
CA ALA A 288 -5.94 1.19 -1.48
C ALA A 288 -5.44 1.96 -0.27
N VAL A 289 -4.97 3.18 -0.52
CA VAL A 289 -4.59 4.12 0.54
C VAL A 289 -5.71 5.12 0.68
N THR A 290 -6.34 5.16 1.85
CA THR A 290 -7.54 5.95 2.04
C THR A 290 -7.19 7.42 2.27
N GLU A 291 -8.24 8.23 2.45
CA GLU A 291 -8.05 9.67 2.64
C GLU A 291 -7.25 9.98 3.90
N ASP A 292 -7.45 9.20 4.97
CA ASP A 292 -6.69 9.35 6.20
C ASP A 292 -5.37 8.59 6.17
N LEU A 293 -4.92 8.17 4.99
CA LEU A 293 -3.63 7.52 4.80
C LEU A 293 -3.54 6.17 5.52
N ASP A 294 -4.69 5.50 5.65
CA ASP A 294 -4.76 4.11 6.10
C ASP A 294 -4.61 3.18 4.89
N ILE A 295 -4.42 1.89 5.17
CA ILE A 295 -4.17 0.88 4.14
C ILE A 295 -5.26 -0.17 4.20
N VAL A 296 -6.01 -0.31 3.12
CA VAL A 296 -6.99 -1.38 2.93
C VAL A 296 -6.60 -2.17 1.69
N SER A 297 -6.64 -3.51 1.79
CA SER A 297 -6.26 -4.34 0.66
C SER A 297 -7.01 -5.66 0.68
N ARG A 298 -7.31 -6.18 -0.52
CA ARG A 298 -7.98 -7.47 -0.71
C ARG A 298 -7.28 -8.20 -1.84
N GLY A 299 -7.13 -9.52 -1.70
CA GLY A 299 -6.40 -10.30 -2.67
C GLY A 299 -7.05 -11.65 -2.94
N ARG A 300 -6.56 -12.30 -3.98
CA ARG A 300 -7.05 -13.61 -4.40
C ARG A 300 -5.87 -14.41 -4.94
N THR A 301 -5.92 -15.72 -4.71
CA THR A 301 -4.90 -16.64 -5.21
C THR A 301 -5.52 -17.57 -6.24
N PHE A 302 -4.90 -17.64 -7.41
CA PHE A 302 -5.29 -18.55 -8.48
C PHE A 302 -4.35 -19.74 -8.50
N PRO A 303 -4.85 -20.98 -8.43
CA PRO A 303 -3.92 -22.13 -8.46
C PRO A 303 -3.10 -22.19 -9.73
N HIS A 304 -3.64 -21.71 -10.84
CA HIS A 304 -2.90 -21.56 -12.08
C HIS A 304 -2.40 -20.12 -12.18
N GLY A 305 -1.78 -19.78 -13.29
CA GLY A 305 -1.26 -18.43 -13.46
C GLY A 305 -2.36 -17.39 -13.57
N ILE A 306 -1.94 -16.13 -13.42
CA ILE A 306 -2.81 -14.97 -13.62
C ILE A 306 -2.34 -14.29 -14.90
N SER A 307 -3.06 -14.45 -15.96
CA SER A 307 -2.69 -13.74 -17.11
C SER A 307 -2.89 -12.29 -16.86
N LYS A 308 -2.36 -11.46 -17.70
CA LYS A 308 -2.59 -10.05 -17.57
C LYS A 308 -4.04 -9.67 -17.74
N GLU A 309 -4.82 -10.37 -18.53
CA GLU A 309 -6.20 -10.06 -18.66
C GLU A 309 -6.98 -10.52 -17.43
N THR A 310 -6.66 -11.68 -16.91
CA THR A 310 -7.22 -12.11 -15.64
C THR A 310 -6.97 -11.08 -14.56
N ALA A 311 -5.77 -10.50 -14.53
CA ALA A 311 -5.48 -9.46 -13.55
C ALA A 311 -6.37 -8.24 -13.73
N TYR A 312 -6.79 -7.96 -14.97
CA TYR A 312 -7.67 -6.83 -15.21
C TYR A 312 -9.05 -7.03 -14.60
N SER A 313 -9.68 -8.17 -14.89
CA SER A 313 -11.03 -8.40 -14.39
C SER A 313 -11.03 -8.70 -12.90
N GLU A 314 -9.95 -9.28 -12.37
CA GLU A 314 -9.91 -9.63 -10.96
C GLU A 314 -9.60 -8.43 -10.09
N SER A 315 -8.74 -7.52 -10.56
CA SER A 315 -8.47 -6.31 -9.80
C SER A 315 -9.71 -5.44 -9.67
N VAL A 316 -10.57 -5.43 -10.68
CA VAL A 316 -11.79 -4.65 -10.59
C VAL A 316 -12.73 -5.24 -9.55
N LYS A 317 -12.86 -6.58 -9.53
CA LYS A 317 -13.65 -7.23 -8.51
C LYS A 317 -13.05 -7.06 -7.11
N LEU A 318 -11.73 -6.94 -7.02
CA LEU A 318 -11.12 -6.73 -5.72
C LEU A 318 -11.30 -5.30 -5.25
N LEU A 319 -11.18 -4.35 -6.18
CA LEU A 319 -11.43 -2.95 -5.84
C LEU A 319 -12.90 -2.71 -5.56
N GLN A 320 -13.78 -3.41 -6.27
CA GLN A 320 -15.19 -3.37 -5.92
C GLN A 320 -15.42 -3.89 -4.51
N LYS A 321 -14.77 -5.00 -4.15
CA LYS A 321 -14.89 -5.53 -2.80
C LYS A 321 -14.37 -4.54 -1.76
N ILE A 322 -13.40 -3.71 -2.12
CA ILE A 322 -12.89 -2.72 -1.18
C ILE A 322 -13.93 -1.63 -0.95
N LEU A 323 -14.58 -1.16 -2.02
CA LEU A 323 -15.55 -0.09 -1.86
C LEU A 323 -16.79 -0.54 -1.09
N GLU A 324 -17.19 -1.80 -1.22
CA GLU A 324 -18.37 -2.27 -0.48
C GLU A 324 -18.10 -2.37 1.02
N GLU A 325 -16.87 -2.72 1.42
CA GLU A 325 -16.56 -3.01 2.80
C GLU A 325 -15.89 -1.87 3.55
N ASP A 326 -15.65 -0.73 2.89
CA ASP A 326 -15.03 0.42 3.53
C ASP A 326 -15.70 1.70 3.02
N GLU A 327 -16.04 2.58 3.95
CA GLU A 327 -16.75 3.81 3.62
C GLU A 327 -15.83 4.98 3.28
N ARG A 328 -14.54 4.88 3.60
CA ARG A 328 -13.63 6.00 3.37
C ARG A 328 -13.37 6.20 1.88
N LYS A 329 -12.97 7.41 1.52
CA LYS A 329 -12.55 7.69 0.16
C LYS A 329 -11.12 7.22 -0.06
N ILE A 330 -10.81 6.86 -1.29
CA ILE A 330 -9.52 6.30 -1.68
C ILE A 330 -8.65 7.41 -2.24
N ARG A 331 -7.37 7.43 -1.86
CA ARG A 331 -6.43 8.45 -2.29
C ARG A 331 -5.40 7.94 -3.28
N ARG A 332 -4.80 6.78 -3.00
CA ARG A 332 -3.89 6.11 -3.92
C ARG A 332 -4.35 4.67 -4.08
N ILE A 333 -4.11 4.11 -5.27
CA ILE A 333 -4.55 2.76 -5.60
C ILE A 333 -3.42 2.01 -6.28
N GLY A 334 -3.23 0.75 -5.92
CA GLY A 334 -2.14 -0.05 -6.46
C GLY A 334 -2.46 -1.52 -6.47
N VAL A 335 -1.55 -2.30 -7.04
CA VAL A 335 -1.69 -3.74 -7.18
C VAL A 335 -0.38 -4.39 -6.75
N ARG A 336 -0.48 -5.62 -6.25
CA ARG A 336 0.70 -6.38 -5.83
C ARG A 336 0.59 -7.81 -6.33
N PHE A 337 1.63 -8.28 -7.00
CA PHE A 337 1.68 -9.65 -7.52
C PHE A 337 2.68 -10.48 -6.71
N SER A 338 2.30 -11.72 -6.43
CA SER A 338 3.13 -12.61 -5.61
C SER A 338 2.87 -14.05 -6.02
N LYS A 339 3.61 -14.97 -5.40
CA LYS A 339 3.52 -16.41 -5.64
C LYS A 339 3.75 -16.74 -7.11
N PHE A 340 4.97 -16.47 -7.55
CA PHE A 340 5.36 -16.64 -8.93
C PHE A 340 5.65 -18.11 -9.25
N ILE A 341 5.40 -18.47 -10.50
CA ILE A 341 5.69 -19.81 -10.99
C ILE A 341 6.46 -19.70 -12.31
N MET B 1 -35.58 -13.85 9.57
CA MET B 1 -34.90 -12.58 9.77
C MET B 1 -35.90 -11.45 10.00
N ILE B 2 -35.57 -10.56 10.93
CA ILE B 2 -36.35 -9.36 11.20
C ILE B 2 -35.45 -8.16 11.01
N VAL B 3 -35.78 -7.32 10.04
CA VAL B 3 -35.03 -6.10 9.74
C VAL B 3 -35.81 -4.91 10.27
N LEU B 4 -35.09 -3.95 10.83
CA LEU B 4 -35.67 -2.72 11.37
C LEU B 4 -35.03 -1.54 10.65
N PHE B 5 -35.82 -0.83 9.86
CA PHE B 5 -35.34 0.30 9.07
C PHE B 5 -35.70 1.61 9.75
N VAL B 6 -34.73 2.52 9.78
CA VAL B 6 -34.87 3.84 10.39
C VAL B 6 -34.62 4.90 9.32
N ASP B 7 -35.52 5.86 9.23
CA ASP B 7 -35.41 6.96 8.28
C ASP B 7 -35.70 8.27 9.00
N PHE B 8 -34.80 9.24 8.87
CA PHE B 8 -34.97 10.52 9.53
C PHE B 8 -35.88 11.39 8.67
N ASP B 9 -36.97 11.88 9.25
CA ASP B 9 -37.94 12.69 8.51
C ASP B 9 -37.36 14.06 8.20
N TYR B 10 -37.37 14.43 6.93
CA TYR B 10 -36.80 15.69 6.42
C TYR B 10 -35.59 16.13 7.24
N PHE B 11 -34.53 15.31 7.22
CA PHE B 11 -33.44 15.44 8.18
C PHE B 11 -32.84 16.84 8.17
N TYR B 12 -32.32 17.27 7.01
CA TYR B 12 -31.67 18.58 6.94
C TYR B 12 -32.58 19.69 7.44
N ALA B 13 -33.86 19.62 7.05
CA ALA B 13 -34.82 20.62 7.51
C ALA B 13 -35.12 20.46 9.00
N GLN B 14 -35.23 19.22 9.47
CA GLN B 14 -35.60 19.04 10.87
C GLN B 14 -34.46 19.42 11.79
N VAL B 15 -33.23 19.01 11.48
CA VAL B 15 -32.10 19.35 12.34
C VAL B 15 -31.92 20.86 12.42
N GLU B 16 -32.34 21.59 11.38
CA GLU B 16 -32.19 23.04 11.41
C GLU B 16 -33.17 23.69 12.37
N GLU B 17 -34.40 23.17 12.46
CA GLU B 17 -35.31 23.69 13.48
C GLU B 17 -35.00 23.18 14.88
N VAL B 18 -34.13 22.18 15.02
CA VAL B 18 -33.62 21.86 16.35
C VAL B 18 -32.73 22.99 16.85
N LEU B 19 -31.88 23.54 15.99
CA LEU B 19 -31.00 24.63 16.37
C LEU B 19 -31.72 25.97 16.44
N ASN B 20 -32.84 26.12 15.75
CA ASN B 20 -33.63 27.36 15.75
C ASN B 20 -35.09 27.00 15.97
N PRO B 21 -35.57 27.07 17.22
CA PRO B 21 -36.94 26.62 17.51
C PRO B 21 -38.04 27.57 17.04
N SER B 22 -37.68 28.75 16.50
CA SER B 22 -38.71 29.70 16.08
C SER B 22 -39.42 29.29 14.81
N LEU B 23 -39.00 28.22 14.15
CA LEU B 23 -39.61 27.79 12.89
C LEU B 23 -40.73 26.78 13.11
N LYS B 24 -41.60 27.06 14.09
CA LYS B 24 -42.76 26.21 14.33
C LYS B 24 -43.85 26.56 13.34
N GLY B 25 -44.24 25.60 12.50
CA GLY B 25 -45.22 25.83 11.46
C GLY B 25 -44.75 26.66 10.30
N LYS B 26 -43.65 27.39 10.43
CA LYS B 26 -43.15 28.17 9.31
C LYS B 26 -42.52 27.23 8.29
N PRO B 27 -42.84 27.37 7.00
CA PRO B 27 -42.22 26.50 5.99
C PRO B 27 -40.74 26.83 5.83
N VAL B 28 -39.90 25.80 5.92
CA VAL B 28 -38.45 25.94 5.79
C VAL B 28 -37.95 24.94 4.76
N VAL B 29 -37.01 25.37 3.93
CA VAL B 29 -36.37 24.48 2.95
C VAL B 29 -34.87 24.72 2.97
N VAL B 30 -34.10 23.63 2.91
CA VAL B 30 -32.65 23.68 2.86
C VAL B 30 -32.21 23.36 1.43
N CYS B 31 -31.30 24.17 0.90
CA CYS B 31 -30.93 24.08 -0.51
C CYS B 31 -29.41 23.95 -0.66
N VAL B 32 -29.01 23.18 -1.67
CA VAL B 32 -27.61 23.04 -2.03
C VAL B 32 -27.31 24.01 -3.17
N PHE B 33 -26.27 24.84 -2.98
CA PHE B 33 -25.89 25.85 -3.95
C PHE B 33 -24.72 25.34 -4.79
N SER B 34 -24.86 25.42 -6.10
CA SER B 34 -23.79 25.01 -7.01
C SER B 34 -23.89 25.75 -8.34
N ASP B 39 -23.96 30.20 -10.17
CA ASP B 39 -25.22 30.93 -10.09
C ASP B 39 -26.07 30.43 -8.92
N SER B 40 -26.79 29.32 -9.14
CA SER B 40 -27.65 28.74 -8.12
C SER B 40 -27.59 27.22 -8.26
N GLY B 41 -28.45 26.53 -7.50
CA GLY B 41 -28.48 25.08 -7.53
C GLY B 41 -29.88 24.48 -7.39
N ALA B 42 -30.02 23.51 -6.50
CA ALA B 42 -31.28 22.82 -6.29
C ALA B 42 -31.59 22.75 -4.79
N VAL B 43 -32.79 22.26 -4.49
CA VAL B 43 -33.26 22.14 -3.10
C VAL B 43 -32.87 20.76 -2.58
N ALA B 44 -32.26 20.73 -1.40
CA ALA B 44 -31.84 19.47 -0.79
C ALA B 44 -33.03 18.76 -0.14
N THR B 45 -33.56 19.32 0.94
CA THR B 45 -34.72 18.77 1.61
C THR B 45 -35.68 19.89 1.96
N ALA B 46 -36.97 19.56 2.00
CA ALA B 46 -38.01 20.48 2.44
C ALA B 46 -38.79 19.82 3.58
N ASN B 47 -39.35 20.65 4.44
CA ASN B 47 -40.06 20.14 5.61
C ASN B 47 -41.53 19.87 5.31
N TYR B 48 -42.22 19.35 6.32
CA TYR B 48 -43.65 19.03 6.24
C TYR B 48 -44.46 20.20 5.72
N GLU B 49 -44.28 21.38 6.31
CA GLU B 49 -45.18 22.50 6.05
C GLU B 49 -44.99 23.07 4.65
N ALA B 50 -43.77 23.03 4.12
CA ALA B 50 -43.55 23.51 2.75
C ALA B 50 -43.84 22.45 1.70
N ARG B 51 -43.82 21.21 2.13
CA ARG B 51 -44.04 20.09 1.26
C ARG B 51 -45.47 20.03 0.82
N LYS B 52 -46.33 20.81 1.46
CA LYS B 52 -47.74 20.82 1.10
C LYS B 52 -48.05 21.90 0.08
N PHE B 53 -47.08 22.72 -0.27
CA PHE B 53 -47.34 23.74 -1.24
C PHE B 53 -46.59 23.52 -2.52
N GLY B 54 -46.35 22.27 -2.84
CA GLY B 54 -45.66 21.94 -4.06
C GLY B 54 -44.20 22.24 -4.08
N VAL B 55 -43.57 22.19 -2.92
CA VAL B 55 -42.16 22.44 -2.85
C VAL B 55 -41.56 21.21 -2.26
N LYS B 56 -40.97 20.40 -3.12
CA LYS B 56 -40.39 19.17 -2.67
C LYS B 56 -38.94 19.10 -2.91
N ALA B 57 -38.41 17.96 -2.60
CA ALA B 57 -36.96 17.83 -2.65
C ALA B 57 -36.52 17.31 -4.01
N GLY B 58 -35.47 17.92 -4.56
CA GLY B 58 -34.87 17.49 -5.82
C GLY B 58 -34.92 18.51 -6.92
N ILE B 59 -35.76 19.53 -6.80
CA ILE B 59 -36.04 20.50 -7.87
C ILE B 59 -35.35 21.82 -7.56
N PRO B 60 -35.06 22.69 -8.56
CA PRO B 60 -34.23 23.87 -8.28
C PRO B 60 -34.85 24.86 -7.33
N ILE B 61 -34.08 25.89 -6.98
CA ILE B 61 -34.43 26.79 -5.87
C ILE B 61 -35.37 27.89 -6.33
N VAL B 62 -34.97 28.56 -7.41
CA VAL B 62 -35.71 29.66 -8.03
C VAL B 62 -37.00 29.17 -8.65
N GLU B 63 -37.17 27.85 -8.68
CA GLU B 63 -38.42 27.24 -9.12
C GLU B 63 -39.37 27.38 -7.92
N ALA B 64 -38.78 27.32 -6.72
CA ALA B 64 -39.41 27.50 -5.42
C ALA B 64 -39.66 28.97 -5.12
N LYS B 65 -39.04 29.85 -5.88
CA LYS B 65 -39.18 31.29 -5.70
C LYS B 65 -40.32 31.95 -6.48
N LYS B 66 -41.35 31.15 -6.77
CA LYS B 66 -42.58 31.57 -7.40
C LYS B 66 -43.72 30.83 -6.71
N ILE B 67 -43.41 29.72 -6.05
CA ILE B 67 -44.42 28.96 -5.36
C ILE B 67 -44.42 29.30 -3.89
N LEU B 68 -43.24 29.44 -3.31
CA LEU B 68 -43.13 29.83 -1.91
C LEU B 68 -41.94 30.73 -1.81
N PRO B 69 -42.13 31.98 -2.16
CA PRO B 69 -41.05 32.95 -2.20
C PRO B 69 -40.81 33.73 -0.94
N ASN B 70 -41.61 33.49 0.09
CA ASN B 70 -41.39 34.22 1.32
C ASN B 70 -41.19 33.31 2.52
N ALA B 71 -40.79 32.08 2.27
CA ALA B 71 -40.55 31.10 3.35
C ALA B 71 -39.08 31.08 3.67
N VAL B 72 -38.73 30.45 4.78
CA VAL B 72 -37.32 30.50 5.18
C VAL B 72 -36.48 29.65 4.24
N TYR B 73 -35.43 30.25 3.68
CA TYR B 73 -34.45 29.54 2.88
C TYR B 73 -33.11 29.55 3.60
N LEU B 74 -32.46 28.38 3.63
CA LEU B 74 -31.22 28.23 4.37
C LEU B 74 -30.18 27.48 3.55
N PRO B 75 -28.91 27.88 3.62
CA PRO B 75 -27.87 27.19 2.86
C PRO B 75 -27.56 25.82 3.44
N MET B 76 -26.63 25.10 2.80
CA MET B 76 -26.26 23.78 3.26
C MET B 76 -25.28 23.87 4.41
N ARG B 77 -25.68 23.34 5.57
CA ARG B 77 -24.78 23.23 6.71
C ARG B 77 -24.35 21.78 6.87
N LYS B 78 -23.58 21.29 5.89
CA LYS B 78 -23.39 19.84 5.75
C LYS B 78 -22.69 19.25 6.97
N GLU B 79 -21.70 19.96 7.53
CA GLU B 79 -20.93 19.38 8.62
C GLU B 79 -21.78 19.18 9.87
N VAL B 80 -22.74 20.06 10.11
CA VAL B 80 -23.64 19.86 11.24
C VAL B 80 -24.55 18.66 11.00
N TYR B 81 -25.10 18.54 9.79
CA TYR B 81 -25.95 17.38 9.48
C TYR B 81 -25.17 16.08 9.65
N GLN B 82 -23.91 16.06 9.22
CA GLN B 82 -23.11 14.85 9.34
C GLN B 82 -22.86 14.48 10.80
N GLN B 83 -22.57 15.48 11.64
CA GLN B 83 -22.29 15.20 13.04
C GLN B 83 -23.54 14.72 13.77
N VAL B 84 -24.70 15.24 13.40
CA VAL B 84 -25.94 14.77 14.02
C VAL B 84 -26.24 13.35 13.56
N SER B 85 -26.02 13.06 12.27
CA SER B 85 -26.25 11.70 11.77
C SER B 85 -25.38 10.68 12.49
N SER B 86 -24.12 11.04 12.76
CA SER B 86 -23.16 10.08 13.32
C SER B 86 -23.50 9.72 14.76
N ARG B 87 -23.92 10.70 15.57
CA ARG B 87 -24.37 10.39 16.92
C ARG B 87 -25.57 9.47 16.90
N ILE B 88 -26.50 9.66 15.95
CA ILE B 88 -27.69 8.82 15.92
C ILE B 88 -27.31 7.40 15.51
N MET B 89 -26.49 7.25 14.46
CA MET B 89 -26.02 5.92 14.07
C MET B 89 -25.30 5.25 15.23
N ASN B 90 -24.52 6.01 16.00
CA ASN B 90 -23.83 5.42 17.16
C ASN B 90 -24.83 5.00 18.23
N LEU B 91 -25.86 5.82 18.46
CA LEU B 91 -26.93 5.41 19.37
C LEU B 91 -27.62 4.14 18.88
N LEU B 92 -27.70 3.96 17.56
CA LEU B 92 -28.37 2.79 17.01
C LEU B 92 -27.54 1.52 17.19
N ARG B 93 -26.21 1.63 17.13
CA ARG B 93 -25.37 0.44 17.30
C ARG B 93 -25.51 -0.14 18.71
N GLU B 94 -25.87 0.69 19.69
CA GLU B 94 -26.17 0.19 21.02
C GLU B 94 -27.33 -0.81 20.98
N TYR B 95 -28.27 -0.60 20.07
CA TYR B 95 -29.46 -1.43 19.99
C TYR B 95 -29.27 -2.68 19.14
N SER B 96 -28.33 -2.60 18.21
CA SER B 96 -28.02 -3.67 17.34
C SER B 96 -26.62 -3.65 16.83
N GLU B 97 -26.05 -4.82 16.96
CA GLU B 97 -24.73 -5.15 16.56
C GLU B 97 -24.52 -5.06 15.06
N LYS B 98 -25.56 -5.42 14.31
CA LYS B 98 -25.52 -5.38 12.87
C LYS B 98 -26.27 -4.22 12.34
N ILE B 99 -25.62 -3.34 11.62
CA ILE B 99 -26.27 -2.21 11.10
C ILE B 99 -25.61 -1.78 9.85
N GLU B 100 -26.36 -1.23 8.93
CA GLU B 100 -25.86 -0.78 7.63
C GLU B 100 -26.31 0.66 7.44
N ILE B 101 -25.34 1.58 7.45
CA ILE B 101 -25.63 2.99 7.21
C ILE B 101 -25.75 3.18 5.71
N ALA B 102 -26.99 3.21 5.20
CA ALA B 102 -27.22 3.32 3.77
C ALA B 102 -26.96 4.72 3.25
N SER B 103 -27.19 5.74 4.07
CA SER B 103 -26.98 7.12 3.64
C SER B 103 -26.98 8.01 4.87
N ILE B 104 -27.05 9.32 4.64
CA ILE B 104 -26.96 10.30 5.72
C ILE B 104 -28.13 10.18 6.68
N ASP B 105 -29.29 9.69 6.21
CA ASP B 105 -30.49 9.68 7.05
C ASP B 105 -31.20 8.33 7.05
N GLU B 106 -30.53 7.25 6.66
CA GLU B 106 -31.16 5.94 6.61
C GLU B 106 -30.19 4.88 7.11
N ALA B 107 -30.69 3.98 7.96
CA ALA B 107 -29.89 2.89 8.50
C ALA B 107 -30.76 1.67 8.70
N TYR B 108 -30.24 0.50 8.34
CA TYR B 108 -30.92 -0.77 8.54
C TYR B 108 -30.31 -1.51 9.73
N LEU B 109 -31.16 -2.15 10.52
CA LEU B 109 -30.72 -2.91 11.68
C LEU B 109 -31.28 -4.32 11.59
N ASP B 110 -30.41 -5.31 11.79
CA ASP B 110 -30.81 -6.72 11.89
C ASP B 110 -30.97 -7.05 13.36
N ILE B 111 -32.18 -7.42 13.77
CA ILE B 111 -32.48 -7.63 15.17
C ILE B 111 -33.06 -9.03 15.40
N SER B 112 -32.79 -9.94 14.46
CA SER B 112 -33.37 -11.28 14.53
C SER B 112 -33.01 -11.98 15.83
N ASP B 113 -31.80 -11.78 16.34
CA ASP B 113 -31.32 -12.47 17.52
C ASP B 113 -31.57 -11.69 18.81
N LYS B 114 -32.17 -10.51 18.74
CA LYS B 114 -32.47 -9.72 19.93
C LYS B 114 -33.95 -9.73 20.31
N VAL B 115 -34.86 -9.93 19.36
CA VAL B 115 -36.29 -10.05 19.63
C VAL B 115 -36.74 -11.44 19.20
N ARG B 116 -37.90 -11.83 19.72
CA ARG B 116 -38.46 -13.15 19.40
C ARG B 116 -39.63 -13.08 18.44
N ASP B 117 -40.33 -11.95 18.37
CA ASP B 117 -41.49 -11.83 17.51
C ASP B 117 -41.55 -10.40 16.98
N TYR B 118 -42.59 -10.12 16.18
CA TYR B 118 -42.81 -8.78 15.65
C TYR B 118 -43.40 -7.84 16.70
N ARG B 119 -44.05 -8.37 17.74
CA ARG B 119 -44.55 -7.49 18.79
C ARG B 119 -43.39 -6.91 19.59
N GLU B 120 -42.41 -7.74 19.92
CA GLU B 120 -41.22 -7.22 20.60
C GLU B 120 -40.41 -6.31 19.68
N ALA B 121 -40.41 -6.57 18.38
CA ALA B 121 -39.77 -5.65 17.44
C ALA B 121 -40.48 -4.31 17.42
N TYR B 122 -41.81 -4.32 17.55
CA TYR B 122 -42.55 -3.06 17.64
C TYR B 122 -42.17 -2.29 18.90
N ASN B 123 -42.06 -2.99 20.03
CA ASN B 123 -41.73 -2.29 21.27
C ASN B 123 -40.29 -1.78 21.25
N LEU B 124 -39.38 -2.53 20.62
CA LEU B 124 -38.02 -2.06 20.46
C LEU B 124 -37.97 -0.84 19.53
N GLY B 125 -38.71 -0.88 18.43
CA GLY B 125 -38.75 0.26 17.53
C GLY B 125 -39.32 1.51 18.16
N LEU B 126 -40.29 1.36 19.08
CA LEU B 126 -40.88 2.54 19.71
C LEU B 126 -39.90 3.18 20.70
N GLU B 127 -39.14 2.37 21.43
CA GLU B 127 -38.17 2.92 22.36
C GLU B 127 -36.97 3.53 21.64
N ILE B 128 -36.70 3.09 20.40
CA ILE B 128 -35.67 3.73 19.60
C ILE B 128 -36.12 5.11 19.17
N LYS B 129 -37.40 5.24 18.79
CA LYS B 129 -37.93 6.55 18.41
C LYS B 129 -37.84 7.54 19.57
N ASN B 130 -38.10 7.08 20.79
CA ASN B 130 -38.11 7.98 21.93
C ASN B 130 -36.70 8.28 22.44
N LYS B 131 -35.72 7.45 22.13
CA LYS B 131 -34.35 7.78 22.50
C LYS B 131 -33.75 8.79 21.53
N ILE B 132 -34.05 8.65 20.23
CA ILE B 132 -33.59 9.65 19.26
C ILE B 132 -34.28 10.99 19.51
N LEU B 133 -35.52 10.96 20.01
CA LEU B 133 -36.22 12.20 20.31
C LEU B 133 -35.65 12.89 21.53
N GLU B 134 -35.19 12.13 22.53
CA GLU B 134 -34.73 12.73 23.77
C GLU B 134 -33.28 13.21 23.68
N LYS B 135 -32.45 12.57 22.86
CA LYS B 135 -31.03 12.89 22.81
C LYS B 135 -30.64 13.78 21.65
N GLU B 136 -31.49 13.90 20.62
CA GLU B 136 -31.21 14.78 19.50
C GLU B 136 -32.42 15.57 19.04
N LYS B 137 -33.58 15.41 19.67
CA LYS B 137 -34.81 16.14 19.31
C LYS B 137 -35.16 15.93 17.84
N ILE B 138 -34.99 14.70 17.37
CA ILE B 138 -35.25 14.31 16.00
C ILE B 138 -36.31 13.21 16.01
N THR B 139 -37.35 13.36 15.19
CA THR B 139 -38.31 12.28 14.98
C THR B 139 -37.89 11.45 13.77
N VAL B 140 -38.10 10.14 13.87
CA VAL B 140 -37.73 9.21 12.81
C VAL B 140 -38.91 8.29 12.50
N THR B 141 -38.83 7.64 11.35
CA THR B 141 -39.81 6.64 10.95
C THR B 141 -39.16 5.26 11.02
N VAL B 142 -39.90 4.29 11.53
CA VAL B 142 -39.42 2.93 11.72
C VAL B 142 -40.26 1.99 10.87
N GLY B 143 -39.58 1.12 10.14
CA GLY B 143 -40.22 0.06 9.37
C GLY B 143 -39.61 -1.27 9.78
N ILE B 144 -40.48 -2.25 9.99
CA ILE B 144 -40.07 -3.58 10.44
C ILE B 144 -40.72 -4.61 9.54
N SER B 145 -39.91 -5.49 8.96
CA SER B 145 -40.41 -6.58 8.13
C SER B 145 -39.30 -7.64 8.00
N LYS B 146 -39.41 -8.48 6.97
CA LYS B 146 -38.55 -9.65 6.83
C LYS B 146 -37.31 -9.38 6.00
N ASN B 147 -37.27 -8.32 5.20
CA ASN B 147 -36.08 -7.97 4.46
C ASN B 147 -36.00 -6.45 4.35
N LYS B 148 -34.96 -5.97 3.67
CA LYS B 148 -34.72 -4.53 3.57
C LYS B 148 -35.82 -3.86 2.77
N VAL B 149 -36.28 -4.49 1.69
CA VAL B 149 -37.21 -3.84 0.77
C VAL B 149 -38.54 -3.61 1.46
N PHE B 150 -39.03 -4.61 2.20
CA PHE B 150 -40.33 -4.44 2.84
C PHE B 150 -40.22 -3.64 4.13
N ALA B 151 -39.05 -3.64 4.79
CA ALA B 151 -38.87 -2.74 5.91
C ALA B 151 -38.93 -1.28 5.45
N LYS B 152 -38.37 -0.98 4.28
CA LYS B 152 -38.44 0.38 3.75
C LYS B 152 -39.85 0.72 3.30
N ILE B 153 -40.53 -0.21 2.63
CA ILE B 153 -41.92 0.01 2.25
C ILE B 153 -42.76 0.38 3.46
N ALA B 154 -42.59 -0.35 4.56
CA ALA B 154 -43.31 -0.04 5.80
C ALA B 154 -43.05 1.39 6.24
N ALA B 155 -41.79 1.85 6.16
CA ALA B 155 -41.47 3.22 6.54
C ALA B 155 -42.07 4.22 5.56
N ASP B 156 -42.08 3.89 4.26
CA ASP B 156 -42.61 4.80 3.26
C ASP B 156 -44.12 4.96 3.38
N MET B 157 -44.80 4.02 4.03
CA MET B 157 -46.23 4.16 4.28
C MET B 157 -46.54 4.75 5.65
N ALA B 158 -45.61 4.66 6.60
CA ALA B 158 -45.82 5.19 7.94
C ALA B 158 -45.22 6.58 8.13
N LYS B 159 -44.43 7.08 7.19
CA LYS B 159 -43.77 8.37 7.38
C LYS B 159 -44.79 9.51 7.29
N PRO B 160 -44.55 10.62 8.01
CA PRO B 160 -43.41 10.85 8.91
C PRO B 160 -43.74 10.58 10.38
N ASN B 161 -42.70 10.35 11.18
CA ASN B 161 -42.86 10.01 12.60
C ASN B 161 -43.77 8.80 12.79
N GLY B 162 -43.47 7.72 12.05
CA GLY B 162 -44.30 6.54 12.06
C GLY B 162 -43.53 5.29 12.46
N ILE B 163 -44.30 4.24 12.76
CA ILE B 163 -43.73 2.92 12.99
C ILE B 163 -44.71 1.88 12.49
N LYS B 164 -44.28 1.03 11.57
CA LYS B 164 -45.17 0.04 10.96
C LYS B 164 -44.46 -1.28 10.81
N VAL B 165 -45.12 -2.36 11.24
CA VAL B 165 -44.68 -3.72 11.01
C VAL B 165 -45.44 -4.29 9.83
N ILE B 166 -44.75 -5.08 9.00
CA ILE B 166 -45.37 -5.79 7.89
C ILE B 166 -45.19 -7.29 8.17
N ASP B 167 -46.26 -7.93 8.63
CA ASP B 167 -46.31 -9.37 8.91
C ASP B 167 -45.80 -10.19 7.73
N ASP B 168 -45.44 -11.45 8.00
CA ASP B 168 -45.19 -12.37 6.90
C ASP B 168 -46.44 -12.56 6.05
N GLU B 169 -47.62 -12.40 6.65
CA GLU B 169 -48.88 -12.55 5.91
C GLU B 169 -49.20 -11.33 5.06
N GLU B 170 -48.85 -10.12 5.52
CA GLU B 170 -49.10 -8.94 4.70
C GLU B 170 -48.06 -8.77 3.60
N VAL B 171 -46.88 -9.38 3.73
CA VAL B 171 -45.93 -9.40 2.62
C VAL B 171 -46.54 -10.10 1.42
N LYS B 172 -47.14 -11.28 1.63
CA LYS B 172 -47.75 -12.00 0.53
C LYS B 172 -48.94 -11.24 -0.04
N ARG B 173 -49.68 -10.53 0.82
CA ARG B 173 -50.77 -9.69 0.35
C ARG B 173 -50.24 -8.50 -0.46
N LEU B 174 -49.17 -7.88 0.02
CA LEU B 174 -48.61 -6.75 -0.72
C LEU B 174 -48.05 -7.20 -2.06
N ILE B 175 -47.53 -8.42 -2.15
CA ILE B 175 -47.05 -8.94 -3.43
C ILE B 175 -48.18 -8.95 -4.46
N ARG B 176 -49.41 -9.20 -4.01
CA ARG B 176 -50.55 -9.25 -4.92
C ARG B 176 -51.21 -7.90 -5.12
N GLU B 177 -51.14 -7.00 -4.13
CA GLU B 177 -51.95 -5.78 -4.15
C GLU B 177 -51.16 -4.49 -4.24
N LEU B 178 -49.85 -4.49 -4.01
CA LEU B 178 -49.07 -3.27 -4.03
C LEU B 178 -48.71 -2.89 -5.46
N ASP B 179 -48.91 -1.61 -5.79
CA ASP B 179 -48.63 -1.14 -7.15
C ASP B 179 -47.15 -1.28 -7.47
N ILE B 180 -46.86 -1.54 -8.73
CA ILE B 180 -45.48 -1.79 -9.15
C ILE B 180 -44.62 -0.57 -8.89
N ALA B 181 -45.14 0.62 -9.23
CA ALA B 181 -44.38 1.85 -9.06
C ALA B 181 -43.97 2.11 -7.62
N ASP B 182 -44.65 1.49 -6.64
CA ASP B 182 -44.30 1.69 -5.24
C ASP B 182 -43.15 0.79 -4.78
N VAL B 183 -42.58 -0.01 -5.68
CA VAL B 183 -41.49 -0.90 -5.31
C VAL B 183 -40.18 -0.10 -5.30
N PRO B 184 -39.40 -0.15 -4.22
CA PRO B 184 -38.13 0.58 -4.19
C PRO B 184 -37.16 0.05 -5.24
N GLY B 185 -36.43 0.97 -5.86
CA GLY B 185 -35.44 0.62 -6.85
C GLY B 185 -35.88 0.70 -8.29
N ILE B 186 -37.15 1.00 -8.57
CA ILE B 186 -37.64 1.14 -9.93
C ILE B 186 -38.42 2.45 -10.04
N GLY B 187 -38.34 3.13 -11.15
CA GLY B 187 -39.02 4.39 -11.27
C GLY B 187 -40.25 4.36 -12.12
N ASN B 188 -40.70 5.53 -12.52
CA ASN B 188 -41.87 5.66 -13.33
C ASN B 188 -41.75 5.14 -14.73
N ILE B 189 -40.63 5.35 -15.35
CA ILE B 189 -40.49 4.90 -16.72
C ILE B 189 -40.45 3.41 -16.84
N THR B 190 -39.72 2.75 -15.95
CA THR B 190 -39.66 1.29 -15.96
C THR B 190 -41.00 0.68 -15.56
N ALA B 191 -41.69 1.30 -14.59
CA ALA B 191 -43.00 0.82 -14.18
C ALA B 191 -44.03 1.00 -15.29
N GLU B 192 -43.86 2.03 -16.12
CA GLU B 192 -44.78 2.22 -17.25
C GLU B 192 -44.56 1.16 -18.31
N LYS B 193 -43.30 0.79 -18.56
CA LYS B 193 -43.02 -0.30 -19.50
C LYS B 193 -43.71 -1.59 -19.08
N LEU B 194 -43.87 -1.79 -17.77
CA LEU B 194 -44.47 -3.01 -17.26
C LEU B 194 -46.00 -2.92 -17.28
N LYS B 195 -46.55 -1.74 -16.99
CA LYS B 195 -48.00 -1.56 -16.98
C LYS B 195 -48.62 -1.81 -18.36
N LYS B 196 -47.87 -1.54 -19.44
CA LYS B 196 -48.39 -1.74 -20.77
C LYS B 196 -48.13 -3.15 -21.32
N LEU B 197 -47.37 -3.97 -20.60
CA LEU B 197 -47.23 -5.38 -20.93
C LEU B 197 -48.22 -6.25 -20.17
N GLY B 198 -48.87 -5.71 -19.15
CA GLY B 198 -49.74 -6.46 -18.27
C GLY B 198 -49.23 -6.56 -16.84
N ILE B 199 -48.13 -5.90 -16.51
CA ILE B 199 -47.48 -6.02 -15.21
C ILE B 199 -47.83 -4.77 -14.41
N ASN B 200 -48.82 -4.90 -13.52
CA ASN B 200 -49.24 -3.80 -12.67
C ASN B 200 -48.97 -4.07 -11.19
N LYS B 201 -49.01 -5.32 -10.76
CA LYS B 201 -48.65 -5.69 -9.40
C LYS B 201 -47.36 -6.52 -9.43
N LEU B 202 -46.78 -6.71 -8.25
CA LEU B 202 -45.57 -7.51 -8.16
C LEU B 202 -45.81 -8.96 -8.52
N VAL B 203 -46.99 -9.50 -8.18
CA VAL B 203 -47.29 -10.90 -8.46
C VAL B 203 -47.39 -11.17 -9.96
N ASP B 204 -47.69 -10.14 -10.76
CA ASP B 204 -47.84 -10.31 -12.21
C ASP B 204 -46.52 -10.56 -12.91
N THR B 205 -45.38 -10.31 -12.25
CA THR B 205 -44.09 -10.58 -12.86
C THR B 205 -43.83 -12.08 -13.01
N LEU B 206 -44.43 -12.89 -12.14
CA LEU B 206 -44.28 -14.34 -12.24
C LEU B 206 -45.17 -14.96 -13.31
N SER B 207 -46.24 -14.28 -13.70
CA SER B 207 -47.26 -14.85 -14.58
C SER B 207 -47.01 -14.53 -16.06
N ILE B 208 -45.75 -14.37 -16.45
CA ILE B 208 -45.38 -14.30 -17.86
C ILE B 208 -43.88 -14.57 -17.94
N GLU B 209 -43.42 -15.01 -19.12
CA GLU B 209 -42.10 -15.62 -19.22
C GLU B 209 -40.98 -14.65 -18.87
N PHE B 210 -39.86 -15.24 -18.48
CA PHE B 210 -38.73 -14.48 -17.95
C PHE B 210 -38.14 -13.56 -19.02
N ASP B 211 -37.60 -14.15 -20.09
CA ASP B 211 -36.68 -13.42 -20.96
C ASP B 211 -37.35 -12.37 -21.83
N LYS B 212 -38.69 -12.33 -21.90
CA LYS B 212 -39.33 -11.18 -22.51
C LYS B 212 -39.20 -9.96 -21.59
N LEU B 213 -39.63 -10.11 -20.33
CA LEU B 213 -39.38 -9.09 -19.33
C LEU B 213 -37.90 -8.73 -19.24
N LYS B 214 -37.05 -9.76 -19.25
CA LYS B 214 -35.61 -9.54 -19.08
C LYS B 214 -35.02 -8.69 -20.19
N GLY B 215 -35.58 -8.78 -21.40
CA GLY B 215 -35.05 -8.05 -22.53
C GLY B 215 -35.73 -6.73 -22.80
N MET B 216 -36.43 -6.20 -21.80
CA MET B 216 -37.10 -4.91 -21.92
C MET B 216 -36.95 -4.01 -20.69
N ILE B 217 -36.77 -4.59 -19.50
CA ILE B 217 -36.61 -3.83 -18.27
C ILE B 217 -35.16 -3.75 -17.82
N GLY B 218 -34.25 -4.30 -18.60
CA GLY B 218 -32.92 -4.59 -18.11
C GLY B 218 -32.92 -5.89 -17.31
N GLU B 219 -31.75 -6.51 -17.23
CA GLU B 219 -31.69 -7.82 -16.59
C GLU B 219 -31.63 -7.70 -15.06
N ALA B 220 -30.88 -6.73 -14.54
CA ALA B 220 -30.67 -6.64 -13.09
C ALA B 220 -31.98 -6.46 -12.34
N LYS B 221 -32.89 -5.65 -12.87
CA LYS B 221 -34.18 -5.44 -12.23
C LYS B 221 -35.15 -6.58 -12.50
N ALA B 222 -34.95 -7.32 -13.59
CA ALA B 222 -35.80 -8.46 -13.87
C ALA B 222 -35.69 -9.50 -12.76
N LYS B 223 -34.47 -9.82 -12.35
CA LYS B 223 -34.31 -10.80 -11.27
C LYS B 223 -34.64 -10.20 -9.91
N TYR B 224 -34.46 -8.88 -9.76
CA TYR B 224 -34.85 -8.22 -8.53
C TYR B 224 -36.35 -8.32 -8.29
N LEU B 225 -37.15 -8.03 -9.32
CA LEU B 225 -38.60 -8.05 -9.18
C LEU B 225 -39.10 -9.47 -8.90
N ILE B 226 -38.64 -10.45 -9.67
CA ILE B 226 -39.08 -11.83 -9.48
C ILE B 226 -38.66 -12.35 -8.12
N SER B 227 -37.46 -11.96 -7.65
CA SER B 227 -37.01 -12.33 -6.31
C SER B 227 -38.01 -11.87 -5.24
N LEU B 228 -38.55 -10.67 -5.40
CA LEU B 228 -39.51 -10.17 -4.42
C LEU B 228 -40.84 -10.91 -4.52
N ALA B 229 -41.33 -11.12 -5.75
CA ALA B 229 -42.62 -11.78 -5.93
C ALA B 229 -42.59 -13.23 -5.47
N ARG B 230 -41.43 -13.86 -5.44
CA ARG B 230 -41.27 -15.20 -4.88
C ARG B 230 -41.06 -15.19 -3.36
N ASP B 231 -40.97 -14.00 -2.76
CA ASP B 231 -40.64 -13.82 -1.34
C ASP B 231 -39.48 -14.73 -0.93
N GLU B 232 -38.43 -14.72 -1.74
CA GLU B 232 -37.14 -15.29 -1.36
C GLU B 232 -36.04 -14.25 -1.46
N TYR B 233 -36.42 -12.97 -1.49
CA TYR B 233 -35.46 -11.87 -1.42
C TYR B 233 -35.01 -11.74 0.03
N ASN B 234 -33.80 -12.21 0.33
CA ASN B 234 -33.26 -12.20 1.68
C ASN B 234 -31.79 -11.75 1.62
N GLU B 235 -31.59 -10.50 1.20
CA GLU B 235 -30.25 -9.95 1.17
C GLU B 235 -29.85 -9.48 2.57
N PRO B 236 -28.72 -9.93 3.09
CA PRO B 236 -28.39 -9.65 4.49
C PRO B 236 -27.93 -8.21 4.68
N ILE B 237 -27.93 -7.80 5.95
CA ILE B 237 -27.48 -6.48 6.33
C ILE B 237 -25.96 -6.47 6.31
N ARG B 238 -25.38 -5.62 5.45
CA ARG B 238 -23.93 -5.56 5.25
C ARG B 238 -23.35 -4.63 6.30
N THR B 239 -22.84 -5.22 7.38
CA THR B 239 -22.21 -4.47 8.46
C THR B 239 -20.73 -4.28 8.15
N ARG B 240 -20.25 -3.04 8.26
CA ARG B 240 -18.87 -2.72 7.98
C ARG B 240 -18.04 -2.78 9.26
N VAL B 241 -16.96 -3.56 9.22
CA VAL B 241 -16.03 -3.70 10.34
C VAL B 241 -14.62 -3.51 9.80
N ARG B 242 -13.79 -2.78 10.55
CA ARG B 242 -12.46 -2.43 10.06
C ARG B 242 -11.51 -3.60 10.30
N LYS B 243 -11.08 -4.25 9.21
CA LYS B 243 -10.16 -5.38 9.31
C LYS B 243 -8.84 -4.98 9.97
N SER B 244 -8.29 -3.85 9.57
CA SER B 244 -6.97 -3.45 10.02
C SER B 244 -6.93 -1.96 10.26
N ILE B 245 -6.02 -1.53 11.12
CA ILE B 245 -5.84 -0.12 11.45
C ILE B 245 -4.37 0.21 11.29
N GLY B 246 -4.10 1.28 10.55
CA GLY B 246 -2.73 1.61 10.24
C GLY B 246 -2.61 3.00 9.68
N ARG B 247 -1.40 3.32 9.21
CA ARG B 247 -1.09 4.65 8.71
C ARG B 247 0.23 4.62 7.95
N ILE B 248 0.28 5.25 6.79
CA ILE B 248 1.51 5.33 6.00
C ILE B 248 1.89 6.79 5.86
N VAL B 249 3.15 7.11 6.16
CA VAL B 249 3.62 8.49 6.24
C VAL B 249 4.66 8.73 5.15
N THR B 250 4.55 9.87 4.48
CA THR B 250 5.53 10.28 3.49
C THR B 250 6.74 10.92 4.17
N MET B 251 7.93 10.56 3.70
CA MET B 251 9.16 11.16 4.21
C MET B 251 9.59 12.31 3.30
N LYS B 252 10.25 13.30 3.91
CA LYS B 252 10.67 14.47 3.14
C LYS B 252 11.67 14.09 2.05
N ARG B 253 12.47 13.06 2.29
CA ARG B 253 13.51 12.64 1.36
C ARG B 253 13.63 11.12 1.39
N ASN B 254 13.77 10.53 0.21
CA ASN B 254 14.01 9.10 0.12
C ASN B 254 15.33 8.75 0.78
N SER B 255 15.32 7.75 1.66
CA SER B 255 16.52 7.37 2.38
C SER B 255 16.54 5.87 2.61
N ARG B 256 17.68 5.38 3.11
CA ARG B 256 17.84 3.98 3.48
C ARG B 256 18.47 3.82 4.85
N ASN B 257 18.68 4.91 5.58
CA ASN B 257 19.26 4.83 6.91
C ASN B 257 18.15 4.56 7.92
N LEU B 258 18.28 3.46 8.66
CA LEU B 258 17.27 3.08 9.64
C LEU B 258 17.02 4.19 10.65
N GLU B 259 18.08 4.89 11.07
CA GLU B 259 17.91 5.91 12.10
C GLU B 259 17.11 7.10 11.58
N GLU B 260 17.13 7.34 10.27
CA GLU B 260 16.35 8.43 9.71
C GLU B 260 14.91 8.03 9.41
N ILE B 261 14.67 6.77 9.08
CA ILE B 261 13.31 6.31 8.84
C ILE B 261 12.56 6.11 10.16
N LYS B 262 13.26 5.73 11.23
CA LYS B 262 12.63 5.43 12.50
C LYS B 262 11.65 6.49 12.99
N PRO B 263 11.95 7.80 12.95
CA PRO B 263 10.95 8.77 13.42
C PRO B 263 9.63 8.69 12.67
N TYR B 264 9.67 8.65 11.33
CA TYR B 264 8.44 8.50 10.56
C TYR B 264 7.72 7.22 10.92
N LEU B 265 8.45 6.11 11.00
CA LEU B 265 7.85 4.83 11.36
C LEU B 265 7.22 4.90 12.75
N PHE B 266 7.87 5.59 13.68
CA PHE B 266 7.32 5.68 15.03
C PHE B 266 6.07 6.56 15.06
N ARG B 267 6.03 7.59 14.22
CA ARG B 267 4.83 8.42 14.14
C ARG B 267 3.63 7.61 13.70
N ALA B 268 3.82 6.72 12.72
CA ALA B 268 2.72 5.90 12.24
C ALA B 268 2.25 4.90 13.29
N ILE B 269 3.11 4.52 14.23
CA ILE B 269 2.67 3.64 15.30
C ILE B 269 1.83 4.42 16.32
N GLU B 270 2.24 5.64 16.66
CA GLU B 270 1.50 6.42 17.65
C GLU B 270 0.10 6.75 17.16
N GLU B 271 -0.07 7.01 15.86
CA GLU B 271 -1.39 7.34 15.33
C GLU B 271 -2.27 6.10 15.26
N SER B 272 -1.70 4.97 14.85
CA SER B 272 -2.45 3.72 14.79
C SER B 272 -3.02 3.33 16.15
N TYR B 273 -2.20 3.41 17.19
CA TYR B 273 -2.64 2.98 18.51
C TYR B 273 -3.63 3.95 19.15
N TYR B 274 -3.70 5.20 18.68
CA TYR B 274 -4.76 6.07 19.15
C TYR B 274 -6.09 5.79 18.44
N LYS B 275 -6.05 5.22 17.24
CA LYS B 275 -7.25 4.85 16.50
C LYS B 275 -7.75 3.45 16.85
N LEU B 276 -6.98 2.69 17.63
CA LEU B 276 -7.40 1.35 18.05
C LEU B 276 -8.41 1.39 19.20
N ASP B 277 -8.44 2.47 19.97
CA ASP B 277 -9.35 2.61 21.12
C ASP B 277 -9.03 1.48 22.08
N LYS B 278 -10.01 0.70 22.54
CA LYS B 278 -9.76 -0.44 23.41
C LYS B 278 -9.70 -1.74 22.60
N ARG B 279 -8.80 -1.73 21.61
CA ARG B 279 -8.51 -2.88 20.79
C ARG B 279 -7.02 -3.17 20.87
N ILE B 280 -6.68 -4.45 20.73
CA ILE B 280 -5.31 -4.93 20.90
C ILE B 280 -5.00 -5.90 19.74
N PRO B 281 -4.07 -5.60 18.87
CA PRO B 281 -3.82 -6.47 17.73
C PRO B 281 -2.88 -7.62 18.06
N LYS B 282 -2.96 -8.66 17.25
CA LYS B 282 -2.06 -9.80 17.34
C LYS B 282 -1.11 -9.90 16.15
N ALA B 283 -1.28 -9.03 15.15
CA ALA B 283 -0.43 -9.01 13.97
C ALA B 283 0.01 -7.58 13.69
N ILE B 284 1.25 -7.44 13.24
CA ILE B 284 1.81 -6.15 12.87
C ILE B 284 2.51 -6.29 11.54
N HIS B 285 2.32 -5.31 10.66
CA HIS B 285 2.94 -5.32 9.34
C HIS B 285 3.60 -3.98 9.11
N VAL B 286 4.86 -4.01 8.72
CA VAL B 286 5.56 -2.80 8.29
C VAL B 286 5.49 -2.74 6.78
N VAL B 287 5.05 -1.61 6.26
CA VAL B 287 4.83 -1.41 4.83
C VAL B 287 5.78 -0.31 4.37
N ALA B 288 6.55 -0.60 3.32
CA ALA B 288 7.52 0.33 2.79
C ALA B 288 7.20 0.60 1.33
N VAL B 289 7.13 1.87 0.97
CA VAL B 289 6.90 2.28 -0.42
C VAL B 289 8.25 2.77 -0.96
N THR B 290 8.79 2.02 -1.92
CA THR B 290 10.13 2.29 -2.43
C THR B 290 10.11 3.48 -3.38
N GLU B 291 11.29 3.84 -3.90
CA GLU B 291 11.42 5.04 -4.71
C GLU B 291 10.63 4.92 -6.01
N ASP B 292 10.61 3.74 -6.62
CA ASP B 292 9.79 3.46 -7.78
C ASP B 292 8.33 3.20 -7.42
N LEU B 293 7.92 3.57 -6.21
CA LEU B 293 6.53 3.45 -5.76
C LEU B 293 6.04 2.00 -5.84
N ASP B 294 6.92 1.08 -5.42
CA ASP B 294 6.56 -0.32 -5.19
C ASP B 294 6.34 -0.55 -3.70
N ILE B 295 5.59 -1.60 -3.38
CA ILE B 295 5.22 -1.92 -2.00
C ILE B 295 6.02 -3.14 -1.55
N VAL B 296 6.77 -2.99 -0.47
CA VAL B 296 7.47 -4.08 0.18
C VAL B 296 6.96 -4.16 1.61
N SER B 297 6.60 -5.36 2.05
CA SER B 297 5.91 -5.53 3.33
C SER B 297 6.39 -6.79 4.02
N ARG B 298 6.50 -6.71 5.35
CA ARG B 298 6.86 -7.85 6.20
C ARG B 298 6.08 -7.74 7.49
N GLY B 299 5.60 -8.88 7.99
CA GLY B 299 4.72 -8.89 9.14
C GLY B 299 5.06 -10.00 10.10
N ARG B 300 4.52 -9.87 11.31
CA ARG B 300 4.70 -10.84 12.38
C ARG B 300 3.39 -10.99 13.14
N THR B 301 3.14 -12.21 13.60
CA THR B 301 1.94 -12.53 14.36
C THR B 301 2.34 -12.97 15.76
N PHE B 302 1.69 -12.40 16.77
CA PHE B 302 1.95 -12.73 18.15
C PHE B 302 0.75 -13.44 18.75
N PRO B 303 0.92 -14.61 19.37
CA PRO B 303 -0.23 -15.31 19.93
C PRO B 303 -0.97 -14.49 20.98
N HIS B 304 -0.23 -13.76 21.81
CA HIS B 304 -0.84 -12.87 22.79
C HIS B 304 -1.08 -11.51 22.13
N GLY B 305 -1.18 -10.46 22.93
CA GLY B 305 -1.35 -9.13 22.37
C GLY B 305 -0.03 -8.45 22.07
N ILE B 306 -0.13 -7.38 21.28
CA ILE B 306 1.02 -6.59 20.87
C ILE B 306 0.99 -5.29 21.66
N SER B 307 2.04 -5.04 22.43
CA SER B 307 2.15 -3.79 23.18
C SER B 307 2.32 -2.63 22.21
N LYS B 308 2.51 -1.43 22.77
CA LYS B 308 2.92 -0.32 21.92
C LYS B 308 4.43 -0.32 21.73
N GLU B 309 5.15 -0.86 22.74
CA GLU B 309 6.61 -0.98 22.76
C GLU B 309 7.11 -2.14 21.91
N THR B 310 6.46 -3.31 22.03
CA THR B 310 6.71 -4.39 21.08
C THR B 310 6.63 -3.86 19.66
N ALA B 311 5.56 -3.11 19.37
CA ALA B 311 5.39 -2.51 18.05
C ALA B 311 6.59 -1.64 17.71
N TYR B 312 7.10 -0.89 18.69
CA TYR B 312 8.29 -0.09 18.47
C TYR B 312 9.48 -0.95 18.12
N SER B 313 9.71 -2.02 18.90
CA SER B 313 10.88 -2.86 18.66
C SER B 313 10.67 -3.78 17.46
N GLU B 314 9.45 -4.29 17.27
CA GLU B 314 9.19 -5.20 16.16
C GLU B 314 9.15 -4.49 14.83
N SER B 315 8.70 -3.23 14.81
CA SER B 315 8.74 -2.46 13.56
C SER B 315 10.16 -2.17 13.11
N VAL B 316 11.07 -1.92 14.05
CA VAL B 316 12.45 -1.65 13.69
C VAL B 316 13.08 -2.86 13.02
N LYS B 317 12.95 -4.04 13.64
CA LYS B 317 13.56 -5.23 13.05
C LYS B 317 12.82 -5.66 11.78
N LEU B 318 11.53 -5.34 11.66
CA LEU B 318 10.85 -5.60 10.40
C LEU B 318 11.37 -4.68 9.30
N LEU B 319 11.56 -3.40 9.63
CA LEU B 319 12.20 -2.48 8.68
C LEU B 319 13.64 -2.88 8.39
N GLN B 320 14.29 -3.52 9.33
CA GLN B 320 15.61 -3.98 9.05
C GLN B 320 15.62 -5.10 8.04
N LYS B 321 14.65 -5.99 8.15
CA LYS B 321 14.46 -7.06 7.20
C LYS B 321 14.07 -6.48 5.86
N ILE B 322 13.29 -5.43 5.83
CA ILE B 322 12.97 -4.84 4.56
C ILE B 322 14.26 -4.27 3.98
N LEU B 323 14.97 -3.43 4.72
CA LEU B 323 16.23 -2.90 4.22
C LEU B 323 17.22 -3.99 3.92
N GLU B 324 17.07 -5.16 4.56
CA GLU B 324 18.00 -6.26 4.37
C GLU B 324 17.80 -6.94 3.02
N GLU B 325 16.57 -6.93 2.50
CA GLU B 325 16.23 -7.73 1.33
C GLU B 325 15.74 -6.90 0.15
N ASP B 326 15.84 -5.58 0.22
CA ASP B 326 15.47 -4.73 -0.91
C ASP B 326 16.48 -3.58 -1.01
N GLU B 327 16.96 -3.35 -2.24
CA GLU B 327 18.04 -2.40 -2.48
C GLU B 327 17.54 -1.01 -2.86
N ARG B 328 16.24 -0.85 -3.13
CA ARG B 328 15.71 0.43 -3.55
C ARG B 328 15.58 1.38 -2.36
N LYS B 329 15.61 2.68 -2.67
CA LYS B 329 15.40 3.68 -1.64
C LYS B 329 13.94 3.69 -1.19
N ILE B 330 13.72 4.00 0.07
CA ILE B 330 12.39 4.01 0.68
C ILE B 330 11.84 5.43 0.63
N ARG B 331 10.62 5.58 0.11
CA ARG B 331 9.98 6.89 0.02
C ARG B 331 8.97 7.13 1.13
N ARG B 332 8.13 6.14 1.40
CA ARG B 332 7.13 6.22 2.46
C ARG B 332 7.23 4.96 3.32
N ILE B 333 6.90 5.11 4.60
CA ILE B 333 7.00 4.00 5.55
C ILE B 333 5.77 4.02 6.45
N GLY B 334 5.26 2.85 6.78
CA GLY B 334 4.08 2.82 7.62
C GLY B 334 3.91 1.49 8.33
N VAL B 335 2.90 1.44 9.20
CA VAL B 335 2.52 0.24 9.91
C VAL B 335 1.03 0.01 9.76
N ARG B 336 0.62 -1.25 9.91
CA ARG B 336 -0.78 -1.60 9.98
C ARG B 336 -0.97 -2.72 10.99
N PHE B 337 -2.10 -2.71 11.67
CA PHE B 337 -2.37 -3.68 12.72
C PHE B 337 -3.68 -4.40 12.43
N SER B 338 -3.67 -5.72 12.64
CA SER B 338 -4.80 -6.57 12.28
C SER B 338 -4.96 -7.66 13.32
N LYS B 339 -5.94 -8.53 13.09
CA LYS B 339 -6.27 -9.66 13.96
C LYS B 339 -6.64 -9.15 15.36
N PHE B 340 -7.80 -8.52 15.43
CA PHE B 340 -8.25 -7.93 16.69
C PHE B 340 -8.95 -8.97 17.56
N ILE B 341 -9.09 -8.63 18.84
CA ILE B 341 -9.72 -9.54 19.79
C ILE B 341 -11.20 -9.22 19.92
P 0DG C 5 9.17 -32.77 22.80
OP1 0DG C 5 8.48 -33.30 21.55
OP2 0DG C 5 8.28 -31.78 23.50
O5' 0DG C 5 10.59 -32.04 22.38
C5' 0DG C 5 10.55 -30.97 21.52
C4' 0DG C 5 11.83 -31.00 20.63
O4' 0DG C 5 12.35 -29.86 20.58
C3' 0DG C 5 11.43 -31.38 19.08
O3' 0DG C 5 11.71 -32.86 18.87
C2' 0DG C 5 12.13 -30.71 18.34
C1' 0DG C 5 13.09 -29.92 19.30
N9 0DG C 5 13.39 -28.69 18.86
C8 0DG C 5 12.60 -27.81 19.54
N7 0DG C 5 12.91 -26.56 19.13
C5 0DG C 5 13.89 -26.66 18.21
C6 0DG C 5 14.66 -25.62 17.38
O6 0DG C 5 14.43 -24.46 17.49
N1 0DG C 5 15.66 -26.07 16.47
C2 0DG C 5 15.95 -27.50 16.34
N2 0DG C 5 16.95 -27.97 15.44
N3 0DG C 5 15.21 -28.46 17.13
C4 0DG C 5 14.18 -28.00 18.06
P 0DG C 6 11.06 -33.62 17.63
OP1 0DG C 6 9.64 -33.09 17.45
OP2 0DG C 6 11.05 -35.14 17.72
O5' 0DG C 6 11.98 -33.17 16.35
C5' 0DG C 6 13.27 -33.63 16.31
C4' 0DG C 6 13.98 -32.99 15.09
O4' 0DG C 6 14.16 -31.76 15.31
C3' 0DG C 6 13.02 -33.12 13.75
O3' 0DG C 6 13.87 -33.64 12.61
C2' 0DG C 6 12.62 -32.01 13.49
C1' 0DG C 6 13.82 -31.11 14.00
N9 0DG C 6 13.52 -29.82 14.15
C8 0DG C 6 12.50 -29.73 15.05
N7 0DG C 6 12.21 -28.40 15.21
C5 0DG C 6 13.05 -27.69 14.43
C6 0DG C 6 13.23 -26.19 14.16
O6 0DG C 6 12.55 -25.38 14.71
N1 0DG C 6 14.23 -25.75 13.24
C2 0DG C 6 15.07 -26.72 12.56
N2 0DG C 6 16.09 -26.31 11.63
N3 0DG C 6 14.90 -28.14 12.83
C4 0DG C 6 13.86 -28.60 13.77
C8A 0DA C 7 11.99 -29.59 10.95
N9A 0DA C 7 12.90 -29.07 10.07
C4A 0DA C 7 12.81 -27.72 10.12
C5A 0DA C 7 11.85 -27.41 11.02
N7A 0DA C 7 11.34 -28.57 11.53
N3A 0DA C 7 13.48 -26.76 9.46
C2A 0DA C 7 13.19 -25.43 9.71
N1A 0DA C 7 12.23 -25.11 10.61
C6A 0DA C 7 11.56 -26.06 11.28
N6A 0DA C 7 10.63 -25.40 12.13
C4' 0DA C 7 13.16 -32.31 9.25
O4' 0DA C 7 13.64 -31.24 10.14
C3' 0DA C 7 12.23 -31.50 8.21
C2' 0DA C 7 12.93 -30.54 7.98
C1' 0DA C 7 13.64 -30.16 9.42
O3' 0DA C 7 11.91 -32.30 6.96
C5' 0DA C 7 12.41 -33.29 9.99
O5' 0DA C 7 13.26 -34.37 10.24
P 0DA C 7 13.39 -34.92 11.76
OP2 0DA C 7 14.33 -36.09 11.78
OP1 0DA C 7 12.06 -35.32 12.24
C8A 0DA C 8 10.84 -28.24 6.74
N9A 0DA C 8 11.42 -27.14 6.20
C4A 0DA C 8 10.99 -26.06 6.89
C5A 0DA C 8 10.14 -26.49 7.85
N7A 0DA C 8 10.05 -27.86 7.74
N3A 0DA C 8 11.25 -24.74 6.76
C2A 0DA C 8 10.65 -23.83 7.62
N1A 0DA C 8 9.80 -24.25 8.58
C6A 0DA C 8 9.54 -25.57 8.70
N6A 0DA C 8 8.61 -25.68 9.79
C4' 0DA C 8 13.09 -29.44 4.23
O4' 0DA C 8 12.99 -28.60 5.44
C3' 0DA C 8 12.19 -28.69 3.12
C2' 0DA C 8 11.44 -28.01 3.77
C1' 0DA C 8 12.30 -27.56 5.10
O3' 0DA C 8 13.08 -27.83 2.25
C5' 0DA C 8 12.58 -30.75 4.48
O5' 0DA C 8 13.55 -31.50 5.16
P 0DA C 8 13.08 -32.82 5.98
OP2 0DA C 8 14.30 -33.48 6.55
OP1 0DA C 8 12.44 -33.75 5.05
P 0DT C 9 12.69 -27.55 0.72
OP1 0DT C 9 11.62 -28.53 0.29
OP2 0DT C 9 13.92 -27.64 -0.15
O5' 0DT C 9 12.09 -26.00 0.72
C5' 0DT C 9 10.70 -25.85 0.91
C4' 0DT C 9 10.45 -24.73 1.92
O4' 0DT C 9 10.10 -25.21 3.04
C3' 0DT C 9 9.18 -23.81 1.40
O3' 0DT C 9 9.71 -22.59 0.71
C2' 0DT C 9 8.52 -23.50 2.39
C1' 0DT C 9 9.29 -24.09 3.63
N1 0DT C 9 8.49 -24.55 4.62
C2 0DT C 9 7.82 -23.58 5.54
O2 0DT C 9 7.97 -22.42 5.40
N3 0DT C 9 6.95 -24.08 6.65
C4 0DT C 9 6.75 -25.51 6.86
O4 0DT C 9 6.05 -25.89 7.75
C5 0DT C 9 7.42 -26.48 5.94
C5M 0DT C 9 7.23 -28.00 6.12
C6 0DT C 9 8.29 -25.97 4.83
P 0DC C 10 9.35 -22.31 -0.82
OP1 0DC C 10 8.67 -23.53 -1.42
OP2 0DC C 10 10.59 -21.94 -1.59
O5' 0DC C 10 8.29 -21.04 -0.77
C5' 0DC C 10 6.99 -21.33 -0.35
C4' 0DC C 10 6.57 -20.32 0.67
O4' 0DC C 10 6.52 -21.02 2.14
C3' 0DC C 10 5.38 -19.91 0.36
O3' 0DC C 10 5.33 -18.42 0.30
C2' 0DC C 10 4.43 -20.49 1.45
C1' 0DC C 10 5.35 -20.76 2.66
N1 0DC C 10 4.87 -21.91 3.46
C2 0DC C 10 4.07 -21.68 4.69
O2 0DC C 10 3.80 -20.59 5.05
N3 0DC C 10 3.61 -22.84 5.50
C4 0DC C 10 3.92 -24.19 5.11
N4 0DC C 10 3.44 -25.29 5.94
C5 0DC C 10 4.71 -24.44 3.87
C6 0DC C 10 5.19 -23.27 3.06
P 0DC C 11 4.00 -17.67 -0.18
OP1 0DC C 11 3.44 -18.36 -1.40
OP2 0DC C 11 4.33 -16.22 -0.48
O5' 0DC C 11 2.97 -17.80 1.11
C5' 0DC C 11 2.26 -16.68 1.55
C4' 0DC C 11 1.16 -17.18 2.45
O4' 0DC C 11 1.66 -18.56 3.17
C3' 0DC C 11 0.13 -17.54 1.71
O3' 0DC C 11 -0.92 -16.48 1.49
C2' 0DC C 11 -0.44 -18.83 2.38
C1' 0DC C 11 0.55 -19.18 3.50
N1 0DC C 11 0.72 -20.64 3.55
C2 0DC C 11 0.24 -21.40 4.72
O2 0DC C 11 -0.27 -20.83 5.63
N3 0DC C 11 0.38 -22.88 4.78
C4 0DC C 11 1.00 -23.59 3.69
N4 0DC C 11 1.13 -25.04 3.78
C5 0DC C 11 1.49 -22.84 2.49
C6 0DC C 11 1.34 -21.36 2.44
P 0DT C 12 -1.64 -15.72 2.72
OP1 0DT C 12 -2.64 -14.75 2.12
OP2 0DT C 12 -0.65 -14.97 3.57
O5' 0DT C 12 -2.44 -16.90 3.58
C5' 0DT C 12 -2.35 -16.85 4.99
C4' 0DT C 12 -3.04 -18.07 5.64
O4' 0DT C 12 -2.50 -19.16 5.30
C3' 0DT C 12 -4.62 -18.14 5.18
O3' 0DT C 12 -5.44 -17.77 6.37
C2' 0DT C 12 -4.85 -19.30 4.83
C1' 0DT C 12 -3.64 -20.16 5.36
N1 0DT C 12 -3.34 -21.24 4.59
C2 0DT C 12 -3.51 -22.63 5.11
O2 0DT C 12 -3.93 -22.83 6.19
N3 0DT C 12 -3.15 -23.80 4.25
C4 0DT C 12 -2.64 -23.58 2.90
O4 0DT C 12 -2.36 -24.52 2.22
C5 0DT C 12 -2.47 -22.19 2.39
C5M 0DT C 12 -1.92 -21.95 0.97
C6 0DT C 12 -2.83 -21.03 3.26
P 0DT C 13 -6.73 -16.84 6.21
OP1 0DT C 13 -7.14 -16.85 4.75
OP2 0DT C 13 -6.64 -15.40 6.68
O5' 0DT C 13 -7.90 -17.62 7.08
C5' 0DT C 13 -8.57 -18.71 6.45
C4' 0DT C 13 -8.42 -19.97 7.29
O4' 0DT C 13 -7.48 -20.69 6.83
C3' 0DT C 13 -9.83 -20.81 7.19
O3' 0DT C 13 -10.45 -20.90 8.54
C2' 0DT C 13 -9.58 -21.93 6.75
C1' 0DT C 13 -8.03 -22.10 6.82
N1 0DT C 13 -7.54 -22.78 5.74
C2 0DT C 13 -7.48 -24.26 5.77
O2 0DT C 13 -7.87 -24.85 6.71
N3 0DT C 13 -6.92 -25.01 4.61
C4 0DT C 13 -6.43 -24.29 3.44
O4 0DT C 13 -5.99 -24.90 2.52
C5 0DT C 13 -6.49 -22.80 3.42
C5M 0DT C 13 -5.98 -22.01 2.19
C6 0DT C 13 -7.04 -22.05 4.58
P 0DC C 14 -12.04 -21.09 8.69
OP1 0DC C 14 -12.72 -20.27 7.61
OP2 0DC C 14 -12.47 -20.65 10.06
O5' 0DC C 14 -12.28 -22.70 8.46
C5' 0DC C 14 -11.58 -23.61 9.26
C4' 0DC C 14 -11.85 -25.02 8.78
O4' 0DC C 14 -10.87 -25.43 7.55
C3' 0DC C 14 -13.09 -25.13 8.36
O3' 0DC C 14 -13.74 -26.27 9.05
C2' 0DC C 14 -13.02 -25.38 6.82
C1' 0DC C 14 -11.60 -25.96 6.61
N1 0DC C 14 -11.03 -25.61 5.31
C2 0DC C 14 -10.27 -26.61 4.52
O2 0DC C 14 -10.13 -27.71 4.94
N3 0DC C 14 -9.67 -26.26 3.21
C4 0DC C 14 -9.83 -24.92 2.68
N4 0DC C 14 -9.24 -24.61 1.39
C5 0DC C 14 -10.59 -23.90 3.46
C6 0DC C 14 -11.19 -24.26 4.77
P 0DC C 15 -15.20 -26.76 8.61
OP1 0DC C 15 -15.99 -25.58 8.09
OP2 0DC C 15 -15.89 -27.40 9.79
O5' 0DC C 15 -14.90 -27.86 7.42
C5' 0DC C 15 -14.18 -29.01 7.74
C4' 0DC C 15 -14.06 -29.88 6.50
O4' 0DC C 15 -13.06 -29.17 5.43
C3' 0DC C 15 -15.23 -30.01 5.94
O3' 0DC C 15 -15.77 -31.37 6.24
C2' 0DC C 15 -15.01 -29.75 4.42
C1' 0DC C 15 -13.52 -29.44 4.23
N1 0DC C 15 -13.33 -28.26 3.38
C2 0DC C 15 -12.60 -28.40 2.09
O2 0DC C 15 -12.16 -29.45 1.76
N3 0DC C 15 -12.41 -27.21 1.23
C4 0DC C 15 -12.94 -25.92 1.63
N4 0DC C 15 -12.74 -24.76 0.76
C5 0DC C 15 -13.68 -25.78 2.92
C6 0DC C 15 -13.86 -26.98 3.78
P 0DC C 16 -16.56 -32.23 5.14
OP1 0DC C 16 -17.63 -31.40 4.46
OP2 0DC C 16 -17.20 -33.43 5.81
O5' 0DC C 16 -15.39 -32.73 4.09
C5' 0DC C 16 -15.64 -33.85 3.31
C4' 0DC C 16 -14.75 -33.84 2.09
O4' 0DC C 16 -14.24 -32.34 1.71
C3' 0DC C 16 -15.44 -34.29 1.08
O3' 0DC C 16 -14.72 -35.46 0.54
C2' 0DC C 16 -15.56 -33.13 0.06
C1' 0DC C 16 -14.40 -32.18 0.42
N1 0DC C 16 -14.75 -30.78 0.16
C2 0DC C 16 -14.14 -30.07 -1.00
O2 0DC C 16 -13.39 -30.65 -1.71
N3 0DC C 16 -14.48 -28.64 -1.25
C4 0DC C 16 -15.39 -27.94 -0.38
N4 0DC C 16 -15.72 -26.55 -0.63
C5 0DC C 16 -16.01 -28.64 0.78
C6 0DC C 16 -15.67 -30.08 1.03
P 0DC C 17 -15.30 -36.23 -0.75
OP1 0DC C 17 -16.81 -36.26 -0.63
OP2 0DC C 17 -14.70 -37.63 -0.84
O5' 0DC C 17 -14.82 -35.32 -2.01
C5' 0DC C 17 -15.29 -35.69 -3.26
C4' 0DC C 17 -14.29 -35.17 -4.26
O4' 0DC C 17 -13.97 -33.60 -3.98
C3' 0DC C 17 -14.82 -35.26 -5.44
O3' 0DC C 17 -13.71 -35.56 -6.39
C2' 0DC C 17 -15.43 -33.87 -5.73
C1' 0DC C 17 -14.57 -32.88 -4.91
N1 0DC C 17 -15.41 -31.81 -4.34
C2 0DC C 17 -15.30 -30.45 -4.89
O2 0DC C 17 -14.53 -30.23 -5.76
N3 0DC C 17 -16.12 -29.34 -4.34
C4 0DC C 17 -17.05 -29.59 -3.27
N4 0DC C 17 -17.86 -28.50 -2.74
C5 0DC C 17 -17.19 -30.96 -2.71
C6 0DC C 17 -16.35 -32.08 -3.26
P 0DC C 18 -14.05 -36.03 -7.87
OP1 0DC C 18 -15.30 -36.87 -7.84
OP2 0DC C 18 -12.87 -36.79 -8.43
O5' 0DC C 18 -14.27 -34.61 -8.69
C5' 0DC C 18 -13.11 -33.88 -9.00
C4' 0DC C 18 -13.49 -32.75 -9.94
O4' 0DC C 18 -14.22 -31.59 -9.06
C3' 0DC C 18 -14.35 -33.19 -10.82
O3' 0DC C 18 -13.86 -32.91 -12.20
C2' 0DC C 18 -15.68 -32.43 -10.54
C1' 0DC C 18 -15.23 -31.18 -9.76
N1 0DC C 18 -16.26 -30.73 -8.81
C2 0DC C 18 -16.56 -29.28 -8.68
O2 0DC C 18 -15.97 -28.51 -9.35
N3 0DC C 18 -17.59 -28.82 -7.70
C4 0DC C 18 -18.30 -29.78 -6.89
N4 0DC C 18 -19.31 -29.37 -5.92
C5 0DC C 18 -17.98 -31.23 -7.02
C6 0DC C 18 -16.96 -31.69 -7.99
O5' 0DG D 1 -20.68 -18.26 -7.19
C5' 0DG D 1 -20.51 -17.89 -8.50
C4' 0DG D 1 -19.50 -18.83 -9.18
O4' 0DG D 1 -19.82 -20.04 -8.99
C3' 0DG D 1 -17.99 -18.62 -8.52
O3' 0DG D 1 -17.00 -18.19 -9.59
C2' 0DG D 1 -17.64 -19.69 -8.06
C1' 0DG D 1 -18.51 -20.74 -8.82
N9 0DG D 1 -18.64 -21.88 -8.11
C8 0DG D 1 -19.39 -21.55 -7.01
N7 0DG D 1 -19.53 -22.67 -6.27
C5 0DG D 1 -18.89 -23.67 -6.89
C6 0DG D 1 -18.71 -25.15 -6.55
O6 0DG D 1 -19.18 -25.61 -5.56
N1 0DG D 1 -17.96 -25.99 -7.43
C2 0DG D 1 -17.38 -25.44 -8.64
N2 0DG D 1 -16.62 -26.28 -9.52
N3 0DG D 1 -17.56 -24.03 -8.97
C4 0DG D 1 -18.33 -23.17 -8.05
P 0DG D 2 -15.54 -17.66 -9.16
OP1 0DG D 2 -15.61 -16.97 -7.81
OP2 0DG D 2 -14.93 -16.75 -10.22
O5' 0DG D 2 -14.64 -19.03 -9.02
C5' 0DG D 2 -14.31 -19.70 -10.18
C4' 0DG D 2 -13.83 -21.13 -9.81
O4' 0DG D 2 -14.67 -21.76 -9.10
C3' 0DG D 2 -12.45 -21.04 -8.91
O3' 0DG D 2 -11.38 -21.80 -9.67
C2' 0DG D 2 -12.68 -21.59 -7.84
C1' 0DG D 2 -13.79 -22.60 -8.26
N9 0DG D 2 -14.44 -23.14 -7.21
C8 0DG D 2 -15.00 -22.12 -6.52
N7 0DG D 2 -15.67 -22.68 -5.47
C5 0DG D 2 -15.52 -24.01 -5.51
C6 0DG D 2 -16.01 -25.17 -4.63
O6 0DG D 2 -16.69 -24.99 -3.67
N1 0DG D 2 -15.67 -26.51 -4.98
C2 0DG D 2 -14.85 -26.76 -6.15
N2 0DG D 2 -14.46 -28.09 -6.54
N3 0DG D 2 -14.38 -25.67 -6.97
C4 0DG D 2 -14.75 -24.29 -6.62
P 0DG D 3 -9.82 -21.63 -9.29
OP1 0DG D 3 -9.70 -21.04 -7.89
OP2 0DG D 3 -9.02 -20.80 -10.28
O5' 0DG D 3 -9.26 -23.16 -9.27
C5' 0DG D 3 -9.58 -24.00 -10.30
C4' 0DG D 3 -9.71 -25.45 -9.75
O4' 0DG D 3 -10.67 -25.54 -8.92
C3' 0DG D 3 -8.32 -25.83 -8.93
O3' 0DG D 3 -7.84 -27.18 -9.43
C2' 0DG D 3 -8.59 -25.86 -7.74
C1' 0DG D 3 -10.11 -26.25 -7.74
N9 0DG D 3 -10.77 -25.90 -6.62
C8 0DG D 3 -10.78 -24.53 -6.59
N7 0DG D 3 -11.47 -24.15 -5.49
C5 0DG D 3 -11.90 -25.25 -4.84
C6 0DG D 3 -12.72 -25.48 -3.56
O6 0DG D 3 -13.12 -24.57 -2.91
N1 0DG D 3 -13.01 -26.79 -3.14
C2 0DG D 3 -12.54 -27.93 -3.91
N2 0DG D 3 -12.82 -29.28 -3.50
N3 0DG D 3 -11.77 -27.71 -5.12
C4 0DG D 3 -11.46 -26.34 -5.57
P 0DG D 4 -6.28 -27.56 -9.36
OP1 0DG D 4 -5.49 -26.44 -8.75
OP2 0DG D 4 -5.78 -27.87 -10.77
O5' 0DG D 4 -6.25 -28.89 -8.42
C5' 0DG D 4 -7.25 -29.81 -8.60
C4' 0DG D 4 -7.63 -30.48 -7.26
O4' 0DG D 4 -8.38 -29.76 -6.55
C3' 0DG D 4 -6.27 -30.78 -6.37
O3' 0DG D 4 -6.32 -32.27 -6.04
C2' 0DG D 4 -6.36 -30.12 -5.35
C1' 0DG D 4 -7.91 -30.01 -5.16
N9 0DG D 4 -8.34 -29.04 -4.33
C8 0DG D 4 -7.92 -27.87 -4.88
N7 0DG D 4 -8.38 -26.87 -4.09
C5 0DG D 4 -9.08 -27.41 -3.07
C6 0DG D 4 -9.83 -26.80 -1.88
O6 0DG D 4 -9.86 -25.62 -1.72
N1 0DG D 4 -10.49 -27.65 -0.95
C2 0DG D 4 -10.45 -29.09 -1.14
N2 0DG D 4 -11.11 -29.96 -0.20
N3 0DG D 4 -9.75 -29.67 -2.28
C4 0DG D 4 -9.05 -28.78 -3.24
P 0DG D 5 -4.98 -33.07 -5.63
OP1 0DG D 5 -3.81 -32.08 -5.48
OP2 0DG D 5 -4.63 -34.17 -6.62
O5' 0DG D 5 -5.36 -33.71 -4.18
C5' 0DG D 5 -6.56 -33.32 -3.66
C4' 0DG D 5 -6.80 -34.01 -2.28
O4' 0DG D 5 -7.41 -33.21 -1.52
C3' 0DG D 5 -5.38 -34.37 -1.53
O3' 0DG D 5 -5.71 -35.45 -0.51
C2' 0DG D 5 -5.03 -33.33 -1.00
C1' 0DG D 5 -6.39 -32.70 -0.57
N9 0DG D 5 -6.43 -31.35 -0.56
C8 0DG D 5 -5.59 -30.91 -1.54
N7 0DG D 5 -5.64 -29.55 -1.55
C5 0DG D 5 -6.51 -29.17 -0.60
C6 0DG D 5 -7.01 -27.80 -0.14
O6 0DG D 5 -6.61 -26.80 -0.63
N1 0DG D 5 -7.96 -27.71 0.93
C2 0DG D 5 -8.45 -28.94 1.55
N2 0DG D 5 -9.42 -28.91 2.62
N3 0DG D 5 -7.98 -30.24 1.09
C4 0DG D 5 -7.00 -30.31 0.00
C8A 0DA D 6 -5.27 -31.95 2.58
N9A 0DA D 6 -6.17 -31.56 3.53
C4A 0DA D 6 -6.09 -30.22 3.65
C5A 0DA D 6 -5.15 -29.77 2.78
N7A 0DA D 6 -4.64 -30.85 2.12
N3A 0DA D 6 -6.76 -29.35 4.44
C2A 0DA D 6 -6.49 -28.01 4.35
N1A 0DA D 6 -5.56 -27.54 3.49
C6A 0DA D 6 -4.88 -28.41 2.70
N6A 0DA D 6 -3.98 -27.64 1.92
C4' 0DA D 6 -6.09 -34.81 4.07
O4' 0DA D 6 -6.79 -33.78 3.29
C3' 0DA D 6 -5.48 -34.01 5.33
C2' 0DA D 6 -6.30 -33.16 5.54
C1' 0DA D 6 -6.89 -32.73 4.07
O3' 0DA D 6 -5.27 -34.90 6.54
C5' 0DA D 6 -5.06 -35.36 3.25
O5' 0DA D 6 -5.24 -34.90 1.93
P 0DA D 6 -4.70 -35.80 0.69
OP2 0DA D 6 -4.83 -37.21 1.02
OP1 0DA D 6 -3.28 -35.45 0.33
C8A 0DA D 7 -3.84 -30.65 6.93
N9A 0DA D 7 -4.53 -29.58 7.43
C4A 0DA D 7 -4.12 -28.47 6.78
C5A 0DA D 7 -3.18 -28.84 5.89
N7A 0DA D 7 -3.01 -30.19 5.98
N3A 0DA D 7 -4.48 -27.18 6.90
C2A 0DA D 7 -3.89 -26.22 6.09
N1A 0DA D 7 -2.95 -26.59 5.18
C6A 0DA D 7 -2.59 -27.88 5.07
N6A 0DA D 7 -1.59 -27.95 4.06
C4' 0DA D 7 -5.92 -32.01 9.36
O4' 0DA D 7 -5.93 -31.23 8.14
C3' 0DA D 7 -4.73 -31.36 10.23
C2' 0DA D 7 -4.69 -30.19 9.91
C1' 0DA D 7 -5.46 -30.05 8.46
O3' 0DA D 7 -5.03 -31.48 11.70
C5' 0DA D 7 -5.64 -33.39 9.10
O5' 0DA D 7 -6.72 -33.96 8.43
P 0DA D 7 -6.49 -35.29 7.51
OP2 0DA D 7 -7.80 -35.70 6.89
OP1 0DA D 7 -6.01 -36.38 8.38
P 0DG D 8 -3.85 -31.31 12.78
OP1 0DG D 8 -2.60 -31.95 12.23
OP2 0DG D 8 -4.28 -31.95 14.09
O5' 0DG D 8 -3.65 -29.69 12.91
C5' 0DG D 8 -4.74 -28.89 13.16
C4' 0DG D 8 -4.38 -27.44 12.75
O4' 0DG D 8 -4.15 -27.39 11.51
C3' 0DG D 8 -2.95 -27.01 13.47
O3' 0DG D 8 -3.16 -26.30 14.81
C2' 0DG D 8 -2.30 -26.35 12.68
C1' 0DG D 8 -3.14 -26.30 11.36
N9 0DG D 8 -2.37 -26.45 10.28
C8 0DG D 8 -2.01 -27.76 10.25
N7 0DG D 8 -1.23 -27.96 9.16
C5 0DG D 8 -1.10 -26.78 8.53
C6 0DG D 8 -0.34 -26.36 7.27
O6 0DG D 8 0.27 -27.17 6.65
N1 0DG D 8 -0.39 -25.01 6.83
C2 0DG D 8 -1.15 -24.03 7.59
N2 0DG D 8 -1.21 -22.65 7.16
N3 0DG D 8 -1.87 -24.43 8.80
C4 0DG D 8 -1.81 -25.84 9.24
P 0DG D 9 -4.01 -24.94 14.93
OP1 0DG D 9 -5.25 -25.23 15.73
OP2 0DG D 9 -4.37 -24.31 13.59
O5' 0DG D 9 -3.04 -23.95 15.79
C5' 0DG D 9 -1.73 -23.83 15.38
C4' 0DG D 9 -1.65 -22.74 14.28
O4' 0DG D 9 -1.44 -23.26 13.15
C3' 0DG D 9 -0.41 -21.70 14.59
O3' 0DG D 9 -0.97 -20.28 14.65
C2' 0DG D 9 0.37 -21.81 13.68
C1' 0DG D 9 -0.49 -22.33 12.48
N9 0DG D 9 0.25 -22.95 11.55
C8 0DG D 9 0.37 -24.24 11.99
N7 0DG D 9 1.10 -24.92 11.08
C5 0DG D 9 1.44 -24.06 10.10
C6 0DG D 9 2.24 -24.23 8.81
O6 0DG D 9 2.72 -25.29 8.54
N1 0DG D 9 2.43 -23.12 7.95
C2 0DG D 9 1.85 -21.83 8.28
N2 0DG D 9 2.06 -20.70 7.40
N3 0DG D 9 1.08 -21.67 9.50
C4 0DG D 9 0.89 -22.82 10.40
C8A 0DA D 10 3.27 -20.94 12.16
N9A 0DA D 10 3.68 -20.36 10.99
C4A 0DA D 10 4.36 -21.27 10.27
C5A 0DA D 10 4.38 -22.42 10.98
N7A 0DA D 10 3.71 -22.22 12.15
N3A 0DA D 10 4.94 -21.18 9.07
C2A 0DA D 10 5.59 -22.28 8.55
N1A 0DA D 10 5.62 -23.45 9.24
C6A 0DA D 10 5.03 -23.53 10.45
N6A 0DA D 10 5.24 -24.86 10.92
C4' 0DA D 10 2.03 -17.54 12.06
O4' 0DA D 10 2.01 -18.83 11.39
C3' 0DA D 10 3.48 -17.58 12.77
C2' 0DA D 10 4.19 -18.01 11.90
C1' 0DA D 10 3.22 -18.95 10.94
O3' 0DA D 10 3.89 -16.19 13.19
C5' 0DA D 10 1.00 -17.41 13.04
O5' 0DA D 10 0.44 -18.67 13.28
P 0DA D 10 0.01 -19.03 14.81
OP2 0DA D 10 -0.81 -17.88 15.35
OP1 0DA D 10 1.25 -19.20 15.64
P 0DT D 11 5.44 -15.79 13.31
OP1 0DT D 11 6.25 -16.94 13.89
OP2 0DT D 11 5.55 -14.59 14.20
O5' 0DT D 11 5.89 -15.44 11.75
C5' 0DT D 11 7.26 -15.23 11.49
C4' 0DT D 11 7.69 -15.92 10.20
O4' 0DT D 11 7.14 -17.05 10.04
C3' 0DT D 11 9.30 -16.23 10.34
O3' 0DT D 11 10.03 -14.98 9.97
C2' 0DT D 11 9.54 -17.13 9.54
C1' 0DT D 11 8.17 -17.86 9.30
N1 0DT D 11 8.22 -19.14 9.75
C2 0DT D 11 8.91 -20.18 8.95
O2 0DT D 11 9.43 -19.91 7.93
N3 0DT D 11 8.95 -21.60 9.45
C4 0DT D 11 8.31 -21.95 10.71
O4 0DT D 11 8.34 -23.07 11.11
C5 0DT D 11 7.62 -20.89 11.50
C5M 0DT D 11 6.96 -21.28 12.84
C6 0DT D 11 7.58 -19.49 11.01
P 0DT D 12 11.38 -14.58 10.76
OP1 0DT D 12 11.18 -14.83 12.23
OP2 0DT D 12 11.68 -13.13 10.46
O5' 0DT D 12 12.51 -15.60 10.13
C5' 0DT D 12 12.67 -15.67 8.72
C4' 0DT D 12 13.29 -17.02 8.38
O4' 0DT D 12 12.47 -17.96 8.59
C3' 0DT D 12 14.55 -17.30 9.41
O3' 0DT D 12 15.81 -16.72 8.84
C2' 0DT D 12 14.65 -18.51 9.53
C1' 0DT D 12 13.32 -19.14 8.94
N1 0DT D 12 12.73 -19.94 9.85
C2 0DT D 12 12.88 -21.43 9.76
O2 0DT D 12 13.51 -21.92 8.90
N3 0DT D 12 12.22 -22.31 10.78
C4 0DT D 12 11.43 -21.73 11.86
O4 0DT D 12 10.91 -22.45 12.66
C5 0DT D 12 11.29 -20.25 11.95
C5M 0DT D 12 10.46 -19.62 13.08
C6 0DT D 12 11.95 -19.38 10.94
P 0DC D 13 17.15 -16.67 9.72
OP1 0DC D 13 16.81 -16.23 11.12
OP2 0DC D 13 18.15 -15.74 9.07
O5' 0DC D 13 17.71 -18.22 9.72
C5' 0DC D 13 19.04 -18.46 9.37
C4' 0DC D 13 19.12 -19.77 8.62
O4' 0DC D 13 17.77 -20.63 8.86
C3' 0DC D 13 20.11 -20.46 9.08
O3' 0DC D 13 20.70 -21.26 7.98
C2' 0DC D 13 19.48 -21.39 10.14
C1' 0DC D 13 18.10 -21.71 9.54
N1 0DC D 13 17.10 -21.95 10.60
C2 0DC D 13 16.65 -23.32 10.94
O2 0DC D 13 17.11 -24.26 10.36
N3 0DC D 13 15.64 -23.53 12.01
C4 0DC D 13 15.07 -22.39 12.71
N4 0DC D 13 14.08 -22.58 13.75
C5 0DC D 13 15.51 -21.01 12.36
C6 0DC D 13 16.53 -20.81 11.30
P 0DC D 14 22.06 -21.64 8.25
OP1 0DC D 14 22.95 -20.80 9.15
OP2 0DC D 14 22.57 -22.11 6.92
O5' 0DC D 14 21.57 -22.92 9.09
C5' 0DC D 14 21.68 -22.95 10.51
C4' 0DC D 14 21.66 -24.39 10.99
O4' 0DC D 14 20.32 -24.76 11.35
C3' 0DC D 14 22.53 -24.58 12.22
O3' 0DC D 14 23.55 -25.54 11.95
C2' 0DC D 14 21.62 -25.09 13.32
C1' 0DC D 14 20.23 -25.15 12.72
N1 0DC D 14 19.33 -24.23 13.44
C2 0DC D 14 18.25 -24.74 14.18
O2 0DC D 14 18.04 -25.96 14.23
N3 0DC D 14 17.44 -23.89 14.84
C4 0DC D 14 17.64 -22.56 14.79
N4 0DC D 14 16.82 -21.72 15.47
C5 0DC D 14 18.71 -22.05 14.06
C6 0DC D 14 19.55 -22.91 13.39
#